data_3QSL
#
_entry.id   3QSL
#
_cell.length_a   60.913
_cell.length_b   65.026
_cell.length_c   160.689
_cell.angle_alpha   90.00
_cell.angle_beta   90.00
_cell.angle_gamma   90.00
#
_symmetry.space_group_name_H-M   'P 21 21 21'
#
loop_
_entity.id
_entity.type
_entity.pdbx_description
1 polymer 'Putative exported protein'
2 non-polymer 'CITRIC ACID'
3 water water
#
_entity_poly.entity_id   1
_entity_poly.type   'polypeptide(L)'
_entity_poly.pdbx_seq_one_letter_code
;(MSE)SVTRRELLKLAGAAGA(MSE)SLAPAIVRAQKLEKAKVQIAVGGKPLIYYLPLTIAEVKGFFKDEGLDVSIADFA
GGSKALQAVVGGSADVVSGAFEHTLSLQAKGQFYRAFALQGRAP(MSE)IGVGVSKKNLPGYKGPADLKGRKIGVTAPGS
STN(MSE)VVNFFLAKHGLKASDVSFIGVGAGAGAVTALRSGQIDAISNTDPVVS(MSE)LETSGDIQIIVDTRTLKDTK
EIFGGN(MSE)PAGCLYAPQAFVDANPNTAQALTNAIVRADKWIQKAGADEIAKAVPEGYLLGDPAVYKAAIGKS(MSE)
EGLSPDGVIPEDGAATALKALAAFVPDFDAAKVDPAKAWTNEYTRRANEKYPNG
;
_entity_poly.pdbx_strand_id   A,B
#
loop_
_chem_comp.id
_chem_comp.type
_chem_comp.name
_chem_comp.formula
CIT non-polymer 'CITRIC ACID' 'C6 H8 O7'
#
# COMPACT_ATOMS: atom_id res chain seq x y z
N GLN A 28 25.95 8.26 -35.65
CA GLN A 28 26.39 8.23 -34.21
C GLN A 28 25.83 7.03 -33.47
N LYS A 29 26.68 6.02 -33.26
CA LYS A 29 26.27 4.79 -32.60
C LYS A 29 26.39 4.93 -31.10
N LEU A 30 25.66 4.09 -30.40
CA LEU A 30 25.60 4.18 -28.95
C LEU A 30 26.79 3.50 -28.33
N GLU A 31 27.52 4.20 -27.48
CA GLU A 31 28.74 3.62 -26.88
C GLU A 31 28.37 2.44 -25.97
N LYS A 32 27.27 2.65 -25.24
CA LYS A 32 26.74 1.73 -24.27
C LYS A 32 25.23 1.59 -24.53
N ALA A 33 24.81 0.50 -25.19
CA ALA A 33 23.38 0.23 -25.36
C ALA A 33 22.67 -0.18 -24.05
N LYS A 34 23.33 -0.98 -23.21
CA LYS A 34 22.72 -1.47 -21.96
C LYS A 34 23.01 -0.45 -20.87
N VAL A 35 21.98 0.22 -20.41
CA VAL A 35 22.09 1.19 -19.33
C VAL A 35 21.24 0.75 -18.14
N GLN A 36 21.81 0.91 -16.95
CA GLN A 36 21.11 0.64 -15.74
C GLN A 36 20.85 1.97 -14.99
N ILE A 37 19.58 2.27 -14.79
CA ILE A 37 19.12 3.43 -14.04
C ILE A 37 18.64 3.03 -12.62
N ALA A 38 19.00 3.85 -11.63
CA ALA A 38 18.60 3.71 -10.26
C ALA A 38 17.69 4.89 -9.89
N VAL A 39 16.52 4.61 -9.34
CA VAL A 39 15.59 5.66 -8.97
C VAL A 39 15.17 5.45 -7.54
N GLY A 40 15.10 6.51 -6.79
CA GLY A 40 14.63 6.41 -5.41
C GLY A 40 13.16 6.78 -5.32
N GLY A 41 12.26 5.89 -5.77
CA GLY A 41 10.83 6.22 -5.70
C GLY A 41 10.10 6.17 -7.01
N LYS A 42 10.34 5.12 -7.76
CA LYS A 42 9.80 5.01 -9.11
C LYS A 42 8.29 5.28 -9.24
N PRO A 43 7.47 4.83 -8.26
CA PRO A 43 5.99 5.05 -8.36
C PRO A 43 5.53 6.46 -8.18
N LEU A 44 6.36 7.35 -7.65
CA LEU A 44 5.93 8.72 -7.40
C LEU A 44 5.80 9.58 -8.63
N ILE A 45 4.87 10.55 -8.58
CA ILE A 45 4.62 11.39 -9.73
C ILE A 45 5.86 12.18 -10.08
N TYR A 46 6.68 12.44 -9.07
CA TYR A 46 8.01 13.02 -9.24
C TYR A 46 8.86 12.39 -10.38
N TYR A 47 8.71 11.09 -10.58
CA TYR A 47 9.41 10.39 -11.62
C TYR A 47 8.55 9.87 -12.76
N LEU A 48 7.39 10.48 -12.98
CA LEU A 48 6.48 10.02 -14.00
C LEU A 48 7.17 9.97 -15.35
N PRO A 49 7.94 10.99 -15.71
CA PRO A 49 8.61 10.92 -17.02
C PRO A 49 9.44 9.65 -17.26
N LEU A 50 10.12 9.20 -16.22
CA LEU A 50 10.92 7.96 -16.29
C LEU A 50 10.10 6.72 -16.68
N THR A 51 8.97 6.56 -16.01
CA THR A 51 8.04 5.45 -16.24
C THR A 51 7.35 5.60 -17.58
N ILE A 52 6.90 6.82 -17.93
CA ILE A 52 6.33 7.05 -19.23
C ILE A 52 7.33 6.73 -20.32
N ALA A 53 8.59 7.14 -20.16
CA ALA A 53 9.61 6.77 -21.17
C ALA A 53 9.75 5.25 -21.32
N GLU A 54 9.70 4.52 -20.20
CA GLU A 54 9.79 3.06 -20.29
C GLU A 54 8.57 2.43 -20.94
N VAL A 55 7.35 2.75 -20.46
CA VAL A 55 6.16 2.03 -20.93
C VAL A 55 5.75 2.39 -22.37
N LYS A 56 6.08 3.59 -22.82
CA LYS A 56 5.84 3.98 -24.19
C LYS A 56 6.90 3.55 -25.16
N GLY A 57 7.96 2.90 -24.69
CA GLY A 57 9.05 2.40 -25.54
C GLY A 57 10.00 3.47 -26.07
N PHE A 58 10.01 4.65 -25.44
CA PHE A 58 10.87 5.74 -25.87
C PHE A 58 12.37 5.45 -25.75
N PHE A 59 12.78 4.68 -24.75
CA PHE A 59 14.18 4.21 -24.69
C PHE A 59 14.48 3.19 -25.79
N LYS A 60 13.55 2.26 -26.03
CA LYS A 60 13.74 1.26 -27.06
C LYS A 60 13.82 1.94 -28.43
N ASP A 61 12.97 2.90 -28.71
CA ASP A 61 13.10 3.73 -29.90
C ASP A 61 14.51 4.30 -30.12
N GLU A 62 15.27 4.59 -29.07
CA GLU A 62 16.62 5.12 -29.25
C GLU A 62 17.67 4.00 -29.32
N GLY A 63 17.20 2.74 -29.32
CA GLY A 63 18.09 1.59 -29.37
C GLY A 63 18.73 1.29 -28.02
N LEU A 64 18.16 1.86 -26.97
CA LEU A 64 18.62 1.53 -25.63
C LEU A 64 17.92 0.29 -25.08
N ASP A 65 18.66 -0.43 -24.22
CA ASP A 65 18.17 -1.51 -23.35
C ASP A 65 18.34 -0.99 -21.92
N VAL A 66 17.31 -0.31 -21.42
CA VAL A 66 17.38 0.33 -20.12
C VAL A 66 16.76 -0.56 -19.03
N SER A 67 17.51 -0.85 -17.97
CA SER A 67 16.95 -1.46 -16.75
C SER A 67 16.79 -0.40 -15.68
N ILE A 68 15.71 -0.45 -14.93
CA ILE A 68 15.47 0.48 -13.89
C ILE A 68 15.38 -0.34 -12.62
N ALA A 69 16.17 0.03 -11.62
CA ALA A 69 16.14 -0.58 -10.30
C ALA A 69 15.56 0.47 -9.37
N ASP A 70 14.56 0.12 -8.56
CA ASP A 70 13.91 1.09 -7.65
C ASP A 70 14.50 0.92 -6.25
N PHE A 71 14.49 1.99 -5.48
CA PHE A 71 15.03 2.04 -4.13
C PHE A 71 14.09 2.89 -3.30
N ALA A 72 14.24 2.82 -1.98
CA ALA A 72 13.31 3.47 -1.06
C ALA A 72 13.35 4.98 -1.17
N GLY A 73 14.51 5.53 -1.50
CA GLY A 73 14.65 6.96 -1.71
C GLY A 73 15.88 7.26 -2.49
N GLY A 74 16.02 8.52 -2.89
CA GLY A 74 17.11 8.95 -3.76
C GLY A 74 18.53 8.75 -3.23
N SER A 75 18.73 8.85 -1.91
CA SER A 75 20.04 8.54 -1.32
C SER A 75 20.47 7.10 -1.58
N LYS A 76 19.52 6.17 -1.60
CA LYS A 76 19.88 4.77 -1.87
C LYS A 76 20.16 4.56 -3.35
N ALA A 77 19.39 5.23 -4.19
CA ALA A 77 19.53 5.15 -5.62
C ALA A 77 20.88 5.76 -6.05
N LEU A 78 21.28 6.86 -5.42
CA LEU A 78 22.61 7.41 -5.66
C LEU A 78 23.68 6.42 -5.22
N GLN A 79 23.54 5.79 -4.08
CA GLN A 79 24.57 4.81 -3.62
C GLN A 79 24.70 3.60 -4.56
N ALA A 80 23.62 3.25 -5.26
CA ALA A 80 23.68 2.18 -6.29
C ALA A 80 24.65 2.55 -7.41
N VAL A 81 24.63 3.80 -7.86
CA VAL A 81 25.60 4.27 -8.86
C VAL A 81 27.03 4.38 -8.32
N VAL A 82 27.20 5.01 -7.17
CA VAL A 82 28.50 5.06 -6.49
C VAL A 82 29.05 3.67 -6.28
N GLY A 83 28.21 2.76 -5.83
CA GLY A 83 28.61 1.39 -5.66
C GLY A 83 28.85 0.59 -6.93
N GLY A 84 28.53 1.16 -8.08
CA GLY A 84 28.80 0.50 -9.36
C GLY A 84 27.70 -0.44 -9.86
N SER A 85 26.58 -0.53 -9.14
CA SER A 85 25.48 -1.40 -9.52
C SER A 85 24.60 -0.78 -10.58
N ALA A 86 24.59 0.55 -10.68
CA ALA A 86 23.82 1.23 -11.72
C ALA A 86 24.72 2.31 -12.36
N ASP A 87 24.36 2.75 -13.56
CA ASP A 87 25.16 3.71 -14.34
C ASP A 87 24.73 5.16 -14.20
N VAL A 88 23.43 5.39 -14.12
CA VAL A 88 22.81 6.72 -14.14
C VAL A 88 21.81 6.81 -13.00
N VAL A 89 21.66 7.99 -12.39
CA VAL A 89 20.65 8.18 -11.37
C VAL A 89 19.45 8.99 -11.90
N SER A 90 18.23 8.50 -11.61
CA SER A 90 16.99 9.26 -11.77
C SER A 90 16.73 9.76 -10.37
N GLY A 91 17.10 11.01 -10.13
CA GLY A 91 16.96 11.59 -8.78
C GLY A 91 17.03 13.12 -8.83
N ALA A 92 17.00 13.71 -7.62
CA ALA A 92 16.98 15.15 -7.41
C ALA A 92 18.24 15.87 -7.82
N PHE A 93 18.05 16.83 -8.69
CA PHE A 93 19.08 17.74 -9.15
C PHE A 93 20.02 18.25 -8.06
N GLU A 94 19.53 18.53 -6.86
CA GLU A 94 20.43 19.21 -5.89
C GLU A 94 21.56 18.29 -5.50
N HIS A 95 21.44 16.98 -5.74
CA HIS A 95 22.51 16.05 -5.36
C HIS A 95 23.80 16.31 -6.13
N THR A 96 23.70 16.84 -7.36
CA THR A 96 24.92 17.10 -8.13
C THR A 96 25.82 18.08 -7.37
N LEU A 97 25.19 19.09 -6.77
CA LEU A 97 25.91 20.18 -6.09
C LEU A 97 26.46 19.69 -4.79
N SER A 98 25.63 18.92 -4.08
CA SER A 98 26.05 18.34 -2.81
C SER A 98 27.23 17.40 -3.01
N LEU A 99 27.23 16.62 -4.08
CA LEU A 99 28.36 15.76 -4.41
C LEU A 99 29.63 16.54 -4.75
N GLN A 100 29.48 17.61 -5.53
CA GLN A 100 30.63 18.38 -5.96
C GLN A 100 31.29 19.03 -4.77
N ALA A 101 30.50 19.43 -3.77
CA ALA A 101 31.07 19.91 -2.51
C ALA A 101 32.03 18.87 -1.90
N LYS A 102 31.74 17.58 -2.07
CA LYS A 102 32.61 16.54 -1.53
C LYS A 102 33.68 16.15 -2.54
N GLY A 103 33.74 16.86 -3.68
CA GLY A 103 34.77 16.59 -4.68
C GLY A 103 34.41 15.56 -5.75
N GLN A 104 33.13 15.19 -5.79
CA GLN A 104 32.67 14.21 -6.75
C GLN A 104 31.89 14.91 -7.84
N PHE A 105 32.31 14.70 -9.07
CA PHE A 105 31.70 15.41 -10.16
C PHE A 105 30.65 14.57 -10.87
N TYR A 106 29.40 15.01 -10.75
CA TYR A 106 28.27 14.45 -11.46
C TYR A 106 27.58 15.58 -12.22
N ARG A 107 26.90 15.20 -13.30
CA ARG A 107 26.28 16.15 -14.23
C ARG A 107 24.79 15.82 -14.49
N ALA A 108 23.87 16.76 -14.24
CA ALA A 108 22.46 16.54 -14.61
C ALA A 108 22.31 16.89 -16.09
N PHE A 109 21.60 16.09 -16.86
CA PHE A 109 21.45 16.33 -18.30
C PHE A 109 20.06 16.17 -18.94
N ALA A 110 19.04 15.77 -18.18
CA ALA A 110 17.65 15.78 -18.66
C ALA A 110 16.75 15.99 -17.48
N LEU A 111 15.82 16.92 -17.57
CA LEU A 111 14.95 17.23 -16.44
C LEU A 111 13.60 16.51 -16.51
N GLN A 112 13.16 16.00 -15.37
CA GLN A 112 11.85 15.40 -15.24
C GLN A 112 10.99 16.37 -14.51
N GLY A 113 11.51 17.03 -13.47
CA GLY A 113 10.67 17.92 -12.63
C GLY A 113 11.32 19.29 -12.49
N ARG A 114 10.52 20.34 -12.67
CA ARG A 114 10.98 21.72 -12.55
C ARG A 114 10.59 22.38 -11.26
N ALA A 115 9.89 21.65 -10.39
CA ALA A 115 9.68 22.09 -9.04
C ALA A 115 9.77 20.85 -8.16
N PRO A 116 10.08 21.00 -6.86
CA PRO A 116 10.26 19.75 -6.13
C PRO A 116 9.06 18.89 -5.93
N MSE A 117 7.87 19.50 -5.79
CA MSE A 117 6.66 18.70 -5.68
C MSE A 117 6.70 17.87 -4.41
O MSE A 117 6.15 16.74 -4.34
CB MSE A 117 6.50 17.79 -6.93
CG MSE A 117 6.24 18.56 -8.22
SE MSE A 117 6.09 17.38 -9.76
CE MSE A 117 7.87 16.91 -9.87
N ILE A 118 7.39 18.42 -3.42
CA ILE A 118 7.49 17.79 -2.12
C ILE A 118 6.60 18.48 -1.14
N GLY A 119 5.87 17.66 -0.40
CA GLY A 119 4.96 18.11 0.68
C GLY A 119 5.46 17.65 2.03
N VAL A 120 5.39 18.51 3.03
CA VAL A 120 5.64 18.08 4.38
C VAL A 120 4.36 18.26 5.15
N GLY A 121 3.92 17.18 5.79
CA GLY A 121 2.65 17.14 6.49
C GLY A 121 2.86 16.71 7.94
N VAL A 122 2.17 17.36 8.87
CA VAL A 122 2.18 16.90 10.26
C VAL A 122 0.94 16.03 10.51
N SER A 123 1.13 14.97 11.28
CA SER A 123 0.07 14.04 11.65
C SER A 123 -0.99 14.76 12.48
N LYS A 124 -2.22 14.82 11.98
CA LYS A 124 -3.32 15.38 12.76
C LYS A 124 -3.67 14.46 13.93
N LYS A 125 -3.51 13.17 13.71
CA LYS A 125 -3.66 12.17 14.76
C LYS A 125 -2.68 12.43 15.92
N ASN A 126 -1.37 12.48 15.68
CA ASN A 126 -0.38 12.63 16.79
C ASN A 126 -0.02 14.06 17.18
N LEU A 127 -0.22 15.04 16.31
CA LEU A 127 0.07 16.43 16.64
C LEU A 127 -1.12 17.29 16.24
N PRO A 128 -2.29 17.01 16.85
CA PRO A 128 -3.53 17.71 16.53
C PRO A 128 -3.52 19.16 17.00
N GLY A 129 -2.74 19.44 18.05
CA GLY A 129 -2.53 20.81 18.48
C GLY A 129 -1.42 21.55 17.75
N TYR A 130 -0.80 20.98 16.72
CA TYR A 130 0.37 21.62 16.07
C TYR A 130 0.20 23.13 15.92
N LYS A 131 1.15 23.90 16.44
CA LYS A 131 1.09 25.37 16.42
C LYS A 131 2.18 25.97 15.55
N GLY A 132 3.24 25.23 15.29
CA GLY A 132 4.35 25.76 14.53
C GLY A 132 5.59 24.94 14.72
N PRO A 133 6.65 25.28 13.97
CA PRO A 133 7.85 24.45 13.83
C PRO A 133 8.45 23.98 15.15
N ALA A 134 8.27 24.77 16.21
CA ALA A 134 8.68 24.38 17.55
C ALA A 134 8.27 22.94 17.82
N ASP A 135 7.00 22.66 17.55
CA ASP A 135 6.37 21.40 17.92
C ASP A 135 6.93 20.16 17.21
N LEU A 136 7.81 20.33 16.23
CA LEU A 136 8.45 19.19 15.58
C LEU A 136 9.67 18.63 16.36
N LYS A 137 10.09 19.34 17.39
CA LYS A 137 11.27 18.95 18.17
C LYS A 137 11.09 17.67 18.99
N GLY A 138 11.96 16.70 18.74
CA GLY A 138 11.93 15.41 19.40
C GLY A 138 10.98 14.44 18.72
N ARG A 139 10.54 14.79 17.52
CA ARG A 139 9.49 14.04 16.86
C ARG A 139 10.05 13.23 15.72
N LYS A 140 9.27 12.26 15.27
CA LYS A 140 9.68 11.35 14.22
C LYS A 140 9.06 11.80 12.88
N ILE A 141 9.94 12.11 11.92
CA ILE A 141 9.53 12.67 10.65
C ILE A 141 9.90 11.70 9.56
N GLY A 142 8.89 11.19 8.87
CA GLY A 142 9.09 10.26 7.78
C GLY A 142 9.70 10.96 6.58
N VAL A 143 10.77 10.37 6.06
CA VAL A 143 11.30 10.75 4.73
C VAL A 143 11.35 9.49 3.85
N THR A 144 11.67 9.64 2.57
CA THR A 144 11.74 8.46 1.71
C THR A 144 12.94 7.64 2.19
N ALA A 145 14.10 8.28 2.31
CA ALA A 145 15.28 7.67 2.91
C ALA A 145 16.14 8.81 3.43
N PRO A 146 16.85 8.60 4.55
CA PRO A 146 17.67 9.71 5.05
C PRO A 146 18.66 10.15 4.00
N GLY A 147 18.91 11.45 3.91
CA GLY A 147 19.83 12.00 2.93
C GLY A 147 19.19 12.32 1.59
N SER A 148 17.91 12.02 1.42
CA SER A 148 17.20 12.25 0.16
C SER A 148 16.63 13.64 0.15
N SER A 149 16.16 14.05 -1.00
CA SER A 149 15.61 15.40 -1.14
C SER A 149 14.43 15.64 -0.21
N THR A 150 13.62 14.60 0.02
CA THR A 150 12.55 14.70 0.99
C THR A 150 13.10 15.16 2.36
N ASN A 151 14.26 14.62 2.72
CA ASN A 151 14.93 14.97 3.99
C ASN A 151 15.53 16.37 3.90
N MSE A 152 16.10 16.70 2.75
CA MSE A 152 16.73 18.00 2.56
CA MSE A 152 16.69 18.03 2.46
C MSE A 152 15.67 19.12 2.73
O MSE A 152 15.93 20.09 3.44
CB MSE A 152 17.48 18.09 1.22
CB MSE A 152 17.15 18.15 1.00
CG MSE A 152 18.52 16.98 0.98
CG MSE A 152 17.73 19.55 0.58
SE MSE A 152 20.34 17.31 1.63
SE MSE A 152 16.58 20.89 -0.31
CE MSE A 152 21.32 16.24 0.26
CE MSE A 152 18.00 22.00 -0.99
N VAL A 153 14.50 18.96 2.13
CA VAL A 153 13.46 19.99 2.27
C VAL A 153 13.08 20.24 3.74
N VAL A 154 12.94 19.20 4.55
CA VAL A 154 12.59 19.41 5.95
C VAL A 154 13.72 20.11 6.67
N ASN A 155 14.94 19.71 6.38
CA ASN A 155 16.12 20.34 7.01
C ASN A 155 16.29 21.81 6.66
N PHE A 156 15.96 22.14 5.41
CA PHE A 156 15.92 23.52 4.99
C PHE A 156 14.85 24.28 5.74
N PHE A 157 13.68 23.67 5.90
CA PHE A 157 12.59 24.24 6.73
C PHE A 157 12.98 24.48 8.19
N LEU A 158 13.62 23.48 8.79
CA LEU A 158 14.08 23.55 10.17
C LEU A 158 15.13 24.64 10.35
N ALA A 159 16.08 24.69 9.42
CA ALA A 159 17.13 25.72 9.51
C ALA A 159 16.51 27.11 9.40
N LYS A 160 15.53 27.27 8.51
CA LYS A 160 14.84 28.55 8.37
C LYS A 160 14.19 29.00 9.64
N HIS A 161 13.60 28.06 10.38
CA HIS A 161 12.80 28.46 11.51
C HIS A 161 13.58 28.34 12.82
N GLY A 162 14.90 28.27 12.71
CA GLY A 162 15.80 28.25 13.84
C GLY A 162 15.85 26.93 14.58
N LEU A 163 15.72 25.83 13.86
CA LEU A 163 15.93 24.52 14.48
C LEU A 163 17.08 23.81 13.74
N LYS A 164 17.53 22.68 14.31
CA LYS A 164 18.65 21.93 13.74
C LYS A 164 18.15 20.54 13.34
N ALA A 165 18.90 19.84 12.51
CA ALA A 165 18.49 18.49 12.11
C ALA A 165 18.38 17.55 13.33
N SER A 166 19.36 17.61 14.22
CA SER A 166 19.40 16.76 15.41
C SER A 166 18.28 17.01 16.43
N ASP A 167 17.49 18.06 16.23
CA ASP A 167 16.28 18.30 17.02
C ASP A 167 15.12 17.36 16.70
N VAL A 168 15.16 16.75 15.53
CA VAL A 168 14.18 15.76 15.12
C VAL A 168 14.91 14.47 14.86
N SER A 169 14.13 13.43 14.63
CA SER A 169 14.63 12.17 14.13
C SER A 169 13.91 11.85 12.83
N PHE A 170 14.68 11.49 11.81
CA PHE A 170 14.14 11.18 10.51
C PHE A 170 14.06 9.66 10.39
N ILE A 171 12.95 9.18 9.83
CA ILE A 171 12.71 7.74 9.66
C ILE A 171 12.52 7.49 8.17
N GLY A 172 13.27 6.56 7.61
CA GLY A 172 13.04 6.14 6.23
C GLY A 172 11.77 5.32 6.09
N VAL A 173 10.79 5.81 5.31
CA VAL A 173 9.54 5.07 5.09
C VAL A 173 9.21 4.76 3.63
N GLY A 174 10.07 5.22 2.74
CA GLY A 174 9.93 4.91 1.35
C GLY A 174 8.95 5.80 0.63
N ALA A 175 8.54 5.29 -0.54
CA ALA A 175 7.86 6.03 -1.59
C ALA A 175 6.45 5.52 -1.88
N GLY A 176 5.83 4.78 -0.97
CA GLY A 176 4.52 4.22 -1.29
C GLY A 176 3.71 3.81 -0.11
N ALA A 177 3.18 2.59 -0.19
CA ALA A 177 2.21 2.13 0.80
C ALA A 177 2.78 2.19 2.20
N GLY A 178 4.01 1.74 2.40
CA GLY A 178 4.67 1.85 3.70
C GLY A 178 4.62 3.26 4.26
N ALA A 179 4.79 4.26 3.39
CA ALA A 179 4.89 5.62 3.85
C ALA A 179 3.51 6.09 4.33
N VAL A 180 2.47 5.70 3.58
CA VAL A 180 1.08 6.01 3.90
C VAL A 180 0.65 5.40 5.24
N THR A 181 0.91 4.10 5.40
CA THR A 181 0.45 3.40 6.58
C THR A 181 1.29 3.77 7.79
N ALA A 182 2.56 4.05 7.58
CA ALA A 182 3.40 4.51 8.68
C ALA A 182 2.81 5.76 9.34
N LEU A 183 2.34 6.71 8.54
CA LEU A 183 1.73 7.94 9.06
C LEU A 183 0.36 7.66 9.67
N ARG A 184 -0.47 6.96 8.90
CA ARG A 184 -1.82 6.62 9.34
C ARG A 184 -1.83 5.84 10.62
N SER A 185 -0.92 4.90 10.74
CA SER A 185 -0.87 4.10 11.96
C SER A 185 -0.34 4.84 13.20
N GLY A 186 0.30 5.99 13.04
CA GLY A 186 0.94 6.67 14.19
C GLY A 186 2.43 6.37 14.41
N GLN A 187 3.03 5.52 13.58
CA GLN A 187 4.48 5.27 13.71
C GLN A 187 5.35 6.55 13.52
N ILE A 188 4.92 7.50 12.69
CA ILE A 188 5.63 8.78 12.52
C ILE A 188 4.68 9.93 12.78
N ASP A 189 5.27 11.07 13.12
CA ASP A 189 4.52 12.23 13.52
C ASP A 189 4.45 13.25 12.39
N ALA A 190 5.23 13.08 11.33
CA ALA A 190 5.22 13.99 10.20
C ALA A 190 5.77 13.23 9.04
N ILE A 191 5.58 13.76 7.85
CA ILE A 191 6.03 13.06 6.65
C ILE A 191 6.40 14.08 5.59
N SER A 192 7.45 13.77 4.85
CA SER A 192 7.92 14.49 3.70
C SER A 192 7.95 13.50 2.52
N ASN A 193 7.14 13.76 1.53
CA ASN A 193 7.06 12.81 0.39
C ASN A 193 6.49 13.53 -0.84
N THR A 194 6.14 12.82 -1.91
CA THR A 194 5.52 13.48 -3.06
C THR A 194 4.15 12.86 -3.34
N ASP A 195 3.43 13.44 -4.28
CA ASP A 195 2.18 12.84 -4.72
C ASP A 195 2.56 11.52 -5.38
N PRO A 196 1.69 10.51 -5.29
CA PRO A 196 0.36 10.52 -4.67
C PRO A 196 0.32 10.19 -3.17
N VAL A 197 1.46 9.82 -2.59
CA VAL A 197 1.48 9.63 -1.13
C VAL A 197 0.92 10.82 -0.38
N VAL A 198 1.36 12.02 -0.75
CA VAL A 198 0.95 13.23 -0.02
C VAL A 198 -0.56 13.43 -0.20
N SER A 199 -1.02 13.32 -1.44
CA SER A 199 -2.43 13.47 -1.73
C SER A 199 -3.30 12.40 -1.04
N MSE A 200 -2.86 11.13 -1.03
CA MSE A 200 -3.59 10.04 -0.30
C MSE A 200 -3.87 10.47 1.11
O MSE A 200 -5.01 10.36 1.59
CB MSE A 200 -2.82 8.71 -0.26
N LEU A 201 -2.86 11.02 1.77
CA LEU A 201 -2.97 11.45 3.18
C LEU A 201 -3.80 12.73 3.40
N GLU A 202 -3.69 13.67 2.47
CA GLU A 202 -4.54 14.88 2.46
C GLU A 202 -6.01 14.51 2.45
N THR A 203 -6.41 13.77 1.41
CA THR A 203 -7.81 13.40 1.17
C THR A 203 -8.42 12.61 2.30
N SER A 204 -7.62 11.69 2.89
CA SER A 204 -8.05 10.87 4.03
C SER A 204 -8.11 11.64 5.36
N GLY A 205 -7.69 12.91 5.35
CA GLY A 205 -7.83 13.79 6.52
C GLY A 205 -6.70 13.56 7.51
N ASP A 206 -5.60 12.96 7.07
CA ASP A 206 -4.55 12.52 7.98
C ASP A 206 -3.34 13.44 8.19
N ILE A 207 -3.09 14.39 7.29
CA ILE A 207 -2.00 15.35 7.52
C ILE A 207 -2.44 16.79 7.37
N GLN A 208 -1.71 17.66 8.06
CA GLN A 208 -1.77 19.06 7.84
C GLN A 208 -0.51 19.46 7.12
N ILE A 209 -0.67 20.12 5.98
CA ILE A 209 0.46 20.45 5.14
C ILE A 209 1.16 21.67 5.73
N ILE A 210 2.45 21.58 5.96
CA ILE A 210 3.21 22.71 6.50
C ILE A 210 4.25 23.22 5.48
N VAL A 211 4.60 22.39 4.50
CA VAL A 211 5.40 22.85 3.40
C VAL A 211 4.82 22.25 2.16
N ASP A 212 4.64 23.08 1.14
CA ASP A 212 4.23 22.57 -0.17
C ASP A 212 5.04 23.22 -1.25
N THR A 213 5.60 22.41 -2.13
CA THR A 213 6.38 22.90 -3.24
C THR A 213 5.87 22.29 -4.55
N ARG A 214 4.57 22.05 -4.62
CA ARG A 214 3.99 21.52 -5.85
C ARG A 214 3.81 22.57 -6.95
N THR A 215 3.63 23.82 -6.56
CA THR A 215 3.51 24.92 -7.51
C THR A 215 4.84 25.68 -7.66
N LEU A 216 5.05 26.28 -8.83
CA LEU A 216 6.21 27.18 -9.03
C LEU A 216 6.24 28.33 -8.05
N LYS A 217 5.08 28.90 -7.76
CA LYS A 217 4.99 30.05 -6.87
C LYS A 217 5.41 29.72 -5.44
N ASP A 218 4.86 28.65 -4.89
CA ASP A 218 5.26 28.24 -3.54
C ASP A 218 6.73 27.90 -3.49
N THR A 219 7.26 27.29 -4.54
CA THR A 219 8.68 26.96 -4.59
C THR A 219 9.55 28.19 -4.55
N LYS A 220 9.22 29.20 -5.37
CA LYS A 220 9.99 30.43 -5.44
C LYS A 220 9.91 31.21 -4.16
N GLU A 221 8.78 31.09 -3.47
CA GLU A 221 8.59 31.74 -2.20
C GLU A 221 9.54 31.13 -1.17
N ILE A 222 9.80 29.84 -1.25
CA ILE A 222 10.69 29.20 -0.31
C ILE A 222 12.15 29.32 -0.69
N PHE A 223 12.49 29.02 -1.94
CA PHE A 223 13.90 28.90 -2.33
C PHE A 223 14.46 30.13 -3.03
N GLY A 224 13.56 31.07 -3.39
CA GLY A 224 13.94 32.32 -4.04
C GLY A 224 14.34 32.22 -5.49
N GLY A 225 14.11 31.07 -6.13
CA GLY A 225 14.32 30.91 -7.55
C GLY A 225 13.80 29.50 -7.91
N ASN A 226 14.03 29.08 -9.15
CA ASN A 226 13.71 27.72 -9.57
C ASN A 226 14.54 26.68 -8.86
N MSE A 227 13.86 25.63 -8.43
CA MSE A 227 14.49 24.47 -7.84
C MSE A 227 14.22 23.28 -8.72
O MSE A 227 13.19 22.64 -8.62
CB MSE A 227 13.94 24.17 -6.45
CG MSE A 227 14.68 24.88 -5.36
SE MSE A 227 16.53 24.22 -5.18
CE MSE A 227 16.33 22.51 -4.26
N PRO A 228 15.13 22.99 -9.62
CA PRO A 228 14.90 21.85 -10.46
C PRO A 228 14.83 20.64 -9.57
N ALA A 229 13.99 19.68 -9.94
CA ALA A 229 13.80 18.49 -9.12
C ALA A 229 14.35 17.22 -9.83
N GLY A 230 13.48 16.26 -10.13
CA GLY A 230 13.89 15.00 -10.73
C GLY A 230 14.56 15.21 -12.07
N CYS A 231 15.61 14.46 -12.32
CA CYS A 231 16.38 14.57 -13.56
C CYS A 231 17.17 13.34 -13.77
N LEU A 232 17.78 13.14 -14.94
CA LEU A 232 18.85 12.14 -15.07
C LEU A 232 20.22 12.76 -14.79
N TYR A 233 21.04 12.13 -13.94
CA TYR A 233 22.34 12.64 -13.66
C TYR A 233 23.29 11.48 -13.46
N ALA A 234 24.55 11.71 -13.71
CA ALA A 234 25.51 10.59 -13.80
C ALA A 234 26.91 11.09 -13.50
N PRO A 235 27.81 10.20 -13.11
CA PRO A 235 29.18 10.67 -12.97
C PRO A 235 29.64 11.34 -14.25
N GLN A 236 30.43 12.42 -14.13
CA GLN A 236 30.96 13.08 -15.32
C GLN A 236 31.67 12.07 -16.22
N ALA A 237 32.27 11.05 -15.60
CA ALA A 237 32.95 9.99 -16.36
C ALA A 237 32.00 9.28 -17.36
N PHE A 238 30.79 9.00 -16.92
CA PHE A 238 29.80 8.36 -17.77
C PHE A 238 29.44 9.27 -18.94
N VAL A 239 29.17 10.54 -18.63
CA VAL A 239 28.92 11.53 -19.70
C VAL A 239 30.14 11.67 -20.64
N ASP A 240 31.37 11.57 -20.11
CA ASP A 240 32.57 11.65 -20.97
C ASP A 240 32.71 10.43 -21.87
N ALA A 241 32.38 9.25 -21.35
CA ALA A 241 32.59 8.00 -22.12
C ALA A 241 31.42 7.66 -23.05
N ASN A 242 30.25 8.22 -22.76
CA ASN A 242 29.05 7.81 -23.48
C ASN A 242 28.16 8.92 -23.99
N PRO A 243 28.72 9.88 -24.72
CA PRO A 243 27.88 11.01 -25.17
C PRO A 243 26.58 10.65 -25.93
N ASN A 244 26.62 9.65 -26.81
CA ASN A 244 25.44 9.32 -27.63
C ASN A 244 24.39 8.62 -26.82
N THR A 245 24.82 7.78 -25.89
CA THR A 245 23.93 7.20 -24.89
C THR A 245 23.26 8.29 -24.06
N ALA A 246 24.01 9.30 -23.63
CA ALA A 246 23.37 10.38 -22.83
C ALA A 246 22.31 11.13 -23.64
N GLN A 247 22.57 11.40 -24.91
CA GLN A 247 21.57 11.96 -25.82
C GLN A 247 20.34 11.05 -25.96
N ALA A 248 20.56 9.74 -26.14
CA ALA A 248 19.44 8.80 -26.32
C ALA A 248 18.55 8.88 -25.05
N LEU A 249 19.19 8.80 -23.88
CA LEU A 249 18.44 8.87 -22.63
C LEU A 249 17.66 10.14 -22.57
N THR A 250 18.27 11.22 -23.02
CA THR A 250 17.66 12.54 -22.90
C THR A 250 16.48 12.67 -23.88
N ASN A 251 16.64 12.10 -25.07
CA ASN A 251 15.58 12.06 -26.05
C ASN A 251 14.33 11.45 -25.46
N ALA A 252 14.50 10.34 -24.74
CA ALA A 252 13.38 9.63 -24.18
C ALA A 252 12.69 10.44 -23.11
N ILE A 253 13.45 11.01 -22.19
CA ILE A 253 12.82 11.86 -21.12
C ILE A 253 12.08 13.01 -21.75
N VAL A 254 12.65 13.63 -22.78
CA VAL A 254 12.04 14.84 -23.35
C VAL A 254 10.71 14.43 -24.03
N ARG A 255 10.72 13.33 -24.74
CA ARG A 255 9.50 12.81 -25.34
C ARG A 255 8.45 12.45 -24.28
N ALA A 256 8.89 11.91 -23.15
CA ALA A 256 7.99 11.57 -22.08
C ALA A 256 7.41 12.82 -21.43
N ASP A 257 8.24 13.84 -21.24
CA ASP A 257 7.77 15.09 -20.69
C ASP A 257 6.66 15.70 -21.54
N LYS A 258 6.86 15.71 -22.86
CA LYS A 258 5.90 16.30 -23.78
C LYS A 258 4.63 15.49 -23.86
N TRP A 259 4.74 14.16 -23.83
CA TRP A 259 3.54 13.30 -23.77
C TRP A 259 2.66 13.61 -22.56
N ILE A 260 3.30 13.68 -21.38
CA ILE A 260 2.61 13.96 -20.15
C ILE A 260 1.82 15.26 -20.24
N GLN A 261 2.41 16.30 -20.81
CA GLN A 261 1.75 17.62 -20.86
C GLN A 261 0.49 17.60 -21.72
N LYS A 262 0.42 16.71 -22.71
CA LYS A 262 -0.75 16.63 -23.61
C LYS A 262 -1.76 15.56 -23.21
N ALA A 263 -1.34 14.64 -22.35
CA ALA A 263 -2.19 13.54 -21.91
C ALA A 263 -3.19 14.00 -20.86
N GLY A 264 -4.38 13.44 -20.85
CA GLY A 264 -5.27 13.67 -19.70
C GLY A 264 -4.82 12.82 -18.50
N ALA A 265 -5.31 13.16 -17.29
CA ALA A 265 -5.05 12.33 -16.10
C ALA A 265 -5.48 10.88 -16.40
N ASP A 266 -6.58 10.72 -17.11
CA ASP A 266 -7.05 9.40 -17.47
C ASP A 266 -6.07 8.59 -18.28
N GLU A 267 -5.51 9.18 -19.33
CA GLU A 267 -4.50 8.47 -20.11
C GLU A 267 -3.25 8.15 -19.27
N ILE A 268 -2.91 9.02 -18.34
CA ILE A 268 -1.74 8.78 -17.53
C ILE A 268 -1.97 7.61 -16.59
N ALA A 269 -3.11 7.59 -15.93
CA ALA A 269 -3.48 6.50 -15.04
C ALA A 269 -3.58 5.16 -15.78
N LYS A 270 -4.10 5.19 -17.01
CA LYS A 270 -4.08 4.00 -17.86
C LYS A 270 -2.65 3.53 -18.14
N ALA A 271 -1.65 4.42 -18.16
CA ALA A 271 -0.31 4.01 -18.59
C ALA A 271 0.59 3.43 -17.49
N VAL A 272 0.41 3.86 -16.24
CA VAL A 272 1.35 3.45 -15.18
C VAL A 272 0.93 2.10 -14.62
N PRO A 273 1.89 1.36 -14.03
CA PRO A 273 1.48 0.15 -13.35
C PRO A 273 0.42 0.46 -12.31
N GLU A 274 -0.51 -0.46 -12.17
CA GLU A 274 -1.60 -0.33 -11.22
C GLU A 274 -1.16 -0.04 -9.76
N GLY A 275 -0.04 -0.58 -9.32
CA GLY A 275 0.47 -0.27 -7.99
C GLY A 275 0.71 1.20 -7.75
N TYR A 276 0.94 1.99 -8.80
CA TYR A 276 1.25 3.40 -8.57
C TYR A 276 0.00 4.11 -8.10
N LEU A 277 -1.17 3.52 -8.32
CA LEU A 277 -2.42 4.23 -7.96
C LEU A 277 -2.69 4.19 -6.46
N LEU A 278 -1.93 3.41 -5.70
CA LEU A 278 -2.15 3.27 -4.28
C LEU A 278 -3.59 2.90 -3.92
N GLY A 279 -4.19 2.08 -4.76
CA GLY A 279 -5.56 1.66 -4.59
C GLY A 279 -6.66 2.70 -4.71
N ASP A 280 -6.39 3.82 -5.36
CA ASP A 280 -7.35 4.93 -5.40
C ASP A 280 -7.17 5.73 -6.70
N PRO A 281 -7.73 5.23 -7.78
CA PRO A 281 -7.52 5.92 -9.06
C PRO A 281 -7.98 7.37 -9.04
N ALA A 282 -9.06 7.66 -8.32
CA ALA A 282 -9.55 9.02 -8.27
C ALA A 282 -8.51 9.92 -7.58
N VAL A 283 -7.82 9.43 -6.56
CA VAL A 283 -6.85 10.27 -5.86
C VAL A 283 -5.58 10.49 -6.70
N TYR A 284 -5.14 9.45 -7.39
CA TYR A 284 -4.03 9.52 -8.30
C TYR A 284 -4.29 10.56 -9.37
N LYS A 285 -5.49 10.55 -9.93
CA LYS A 285 -5.87 11.51 -10.95
C LYS A 285 -5.94 12.96 -10.40
N ALA A 286 -6.58 13.19 -9.25
CA ALA A 286 -6.43 14.50 -8.56
C ALA A 286 -4.94 14.81 -8.27
N ALA A 287 -4.14 13.84 -7.86
CA ALA A 287 -2.70 14.11 -7.61
C ALA A 287 -1.94 14.54 -8.90
N ILE A 288 -2.24 13.89 -10.02
CA ILE A 288 -1.68 14.31 -11.30
C ILE A 288 -2.05 15.76 -11.51
N GLY A 289 -3.32 16.11 -11.32
CA GLY A 289 -3.75 17.53 -11.40
C GLY A 289 -3.00 18.51 -10.47
N LYS A 290 -2.82 18.15 -9.20
CA LYS A 290 -2.15 19.05 -8.26
C LYS A 290 -0.67 19.20 -8.54
N SER A 291 -0.04 18.20 -9.13
CA SER A 291 1.42 18.23 -9.29
C SER A 291 1.85 18.49 -10.72
N MSE A 292 0.91 18.68 -11.64
CA MSE A 292 1.21 18.86 -13.07
C MSE A 292 2.12 20.06 -13.37
O MSE A 292 2.93 20.04 -14.30
CB MSE A 292 -0.10 19.06 -13.86
CG MSE A 292 0.03 19.17 -15.41
SE MSE A 292 -0.15 17.47 -16.51
CE MSE A 292 -2.12 17.21 -16.53
N GLU A 293 1.97 21.13 -12.62
CA GLU A 293 2.77 22.32 -12.86
C GLU A 293 4.25 22.02 -12.59
N GLY A 294 4.54 21.10 -11.68
CA GLY A 294 5.92 20.79 -11.29
C GLY A 294 6.69 19.91 -12.24
N LEU A 295 6.00 19.21 -13.13
CA LEU A 295 6.66 18.33 -14.09
C LEU A 295 7.30 19.17 -15.18
N SER A 296 8.49 18.78 -15.63
CA SER A 296 9.16 19.53 -16.69
C SER A 296 8.42 19.39 -18.02
N PRO A 297 8.05 20.50 -18.67
CA PRO A 297 7.32 20.29 -19.92
C PRO A 297 8.17 19.80 -21.09
N ASP A 298 9.49 20.06 -21.06
CA ASP A 298 10.38 19.75 -22.22
C ASP A 298 11.81 19.28 -21.89
N GLY A 299 12.06 18.99 -20.63
CA GLY A 299 13.38 18.52 -20.20
C GLY A 299 14.40 19.59 -19.88
N VAL A 300 14.06 20.86 -20.11
CA VAL A 300 15.09 21.90 -20.13
C VAL A 300 15.38 22.39 -18.71
N ILE A 301 16.65 22.36 -18.34
CA ILE A 301 17.11 22.86 -17.03
C ILE A 301 17.16 24.38 -16.98
N PRO A 302 16.51 24.96 -15.98
CA PRO A 302 16.48 26.37 -15.96
C PRO A 302 17.81 26.96 -15.58
N GLU A 303 18.01 28.19 -16.02
CA GLU A 303 19.30 28.86 -15.99
CA GLU A 303 19.34 28.83 -15.99
C GLU A 303 19.74 29.23 -14.55
N ASP A 304 18.78 29.58 -13.72
CA ASP A 304 19.06 29.89 -12.34
C ASP A 304 18.98 28.69 -11.41
N GLY A 305 18.74 27.48 -11.94
CA GLY A 305 18.58 26.28 -11.14
C GLY A 305 19.70 25.85 -10.22
N ALA A 306 20.88 25.58 -10.78
CA ALA A 306 22.02 25.22 -9.98
C ALA A 306 22.35 26.26 -8.89
N ALA A 307 22.26 27.56 -9.20
CA ALA A 307 22.58 28.56 -8.17
C ALA A 307 21.52 28.60 -7.07
N THR A 308 20.29 28.28 -7.41
CA THR A 308 19.24 28.31 -6.39
C THR A 308 19.47 27.13 -5.46
N ALA A 309 19.81 25.98 -6.06
CA ALA A 309 20.07 24.77 -5.32
C ALA A 309 21.29 24.93 -4.43
N LEU A 310 22.32 25.59 -4.93
CA LEU A 310 23.57 25.70 -4.14
C LEU A 310 23.25 26.60 -2.95
N LYS A 311 22.48 27.64 -3.19
CA LYS A 311 22.12 28.62 -2.15
C LYS A 311 21.29 27.87 -1.10
N ALA A 312 20.26 27.13 -1.52
CA ALA A 312 19.53 26.25 -0.60
C ALA A 312 20.47 25.35 0.27
N LEU A 313 21.36 24.57 -0.35
CA LEU A 313 22.22 23.68 0.45
C LEU A 313 23.07 24.47 1.47
N ALA A 314 23.50 25.69 1.12
CA ALA A 314 24.33 26.49 2.03
C ALA A 314 23.56 27.04 3.23
N ALA A 315 22.23 26.97 3.19
CA ALA A 315 21.44 27.38 4.34
C ALA A 315 21.45 26.34 5.44
N PHE A 316 21.67 25.06 5.15
CA PHE A 316 21.50 24.05 6.20
C PHE A 316 22.57 22.98 6.32
N VAL A 317 23.30 22.68 5.25
CA VAL A 317 24.32 21.64 5.33
C VAL A 317 25.43 22.20 6.22
N PRO A 318 25.88 21.42 7.22
CA PRO A 318 26.87 21.96 8.14
C PRO A 318 28.26 21.97 7.48
N ASP A 319 29.05 22.99 7.79
CA ASP A 319 30.39 23.18 7.23
C ASP A 319 30.41 22.90 5.73
N PHE A 320 29.48 23.55 5.03
CA PHE A 320 29.31 23.48 3.57
C PHE A 320 29.91 24.76 3.04
N ASP A 321 30.72 24.68 2.00
CA ASP A 321 31.40 25.86 1.47
C ASP A 321 31.04 26.05 -0.03
N ALA A 322 29.97 26.79 -0.25
CA ALA A 322 29.41 27.03 -1.57
C ALA A 322 30.39 27.73 -2.51
N ALA A 323 31.29 28.53 -1.93
CA ALA A 323 32.30 29.24 -2.72
C ALA A 323 33.12 28.25 -3.54
N LYS A 324 33.32 27.05 -3.03
CA LYS A 324 34.18 26.06 -3.67
C LYS A 324 33.50 25.26 -4.76
N VAL A 325 32.18 25.34 -4.86
CA VAL A 325 31.49 24.61 -5.92
C VAL A 325 31.33 25.49 -7.16
N ASP A 326 31.67 24.94 -8.34
CA ASP A 326 31.31 25.56 -9.61
C ASP A 326 30.01 24.96 -10.12
N PRO A 327 28.91 25.73 -10.04
CA PRO A 327 27.59 25.28 -10.43
C PRO A 327 27.50 24.84 -11.88
N ALA A 328 28.30 25.46 -12.76
CA ALA A 328 28.25 25.11 -14.20
C ALA A 328 28.66 23.67 -14.46
N LYS A 329 29.50 23.10 -13.59
CA LYS A 329 29.96 21.72 -13.81
C LYS A 329 28.93 20.65 -13.35
N ALA A 330 27.80 21.11 -12.78
CA ALA A 330 26.72 20.19 -12.35
C ALA A 330 25.63 19.84 -13.39
N TRP A 331 25.62 20.49 -14.53
CA TRP A 331 24.46 20.45 -15.44
C TRP A 331 24.76 20.95 -16.83
N THR A 332 23.88 20.64 -17.76
CA THR A 332 24.02 21.01 -19.16
C THR A 332 22.71 20.80 -19.89
N ASN A 333 22.40 21.72 -20.81
CA ASN A 333 21.23 21.62 -21.72
C ASN A 333 21.69 21.19 -23.12
N GLU A 334 22.95 20.83 -23.25
CA GLU A 334 23.47 20.43 -24.54
C GLU A 334 22.54 19.38 -25.11
N TYR A 335 22.18 18.38 -24.32
CA TYR A 335 21.41 17.26 -24.87
C TYR A 335 19.94 17.57 -24.90
N THR A 336 19.42 18.33 -23.94
CA THR A 336 18.01 18.75 -23.99
C THR A 336 17.69 19.69 -25.17
N ARG A 337 18.66 20.47 -25.64
CA ARG A 337 18.43 21.28 -26.83
C ARG A 337 18.27 20.42 -28.08
N ARG A 338 19.15 19.42 -28.25
CA ARG A 338 19.09 18.55 -29.40
C ARG A 338 17.86 17.68 -29.36
N ALA A 339 17.51 17.18 -28.17
CA ALA A 339 16.30 16.37 -28.08
C ALA A 339 15.01 17.12 -28.48
N ASN A 340 14.94 18.38 -28.09
CA ASN A 340 13.85 19.29 -28.49
C ASN A 340 13.92 19.64 -29.97
N GLU A 341 15.14 19.72 -30.52
CA GLU A 341 15.30 19.96 -31.94
C GLU A 341 14.72 18.78 -32.69
N LYS A 342 15.10 17.59 -32.24
CA LYS A 342 14.69 16.36 -32.89
C LYS A 342 13.23 15.99 -32.65
N TYR A 343 12.67 16.34 -31.50
CA TYR A 343 11.27 15.97 -31.22
C TYR A 343 10.46 17.18 -30.83
N PRO A 344 10.34 18.14 -31.73
CA PRO A 344 9.60 19.34 -31.45
C PRO A 344 8.23 19.06 -30.86
N ASN A 345 7.58 17.98 -31.30
CA ASN A 345 6.26 17.59 -30.78
C ASN A 345 6.21 16.24 -30.02
N LEU B 20 -31.96 9.69 2.96
CA LEU B 20 -32.17 8.64 1.93
C LEU B 20 -31.98 9.14 0.47
N ALA B 21 -32.04 10.46 0.23
CA ALA B 21 -31.99 11.04 -1.15
C ALA B 21 -30.79 10.66 -2.05
N PRO B 22 -29.53 10.81 -1.53
CA PRO B 22 -28.38 10.30 -2.32
C PRO B 22 -28.49 8.78 -2.58
N ALA B 23 -28.97 8.03 -1.57
CA ALA B 23 -29.26 6.60 -1.73
C ALA B 23 -30.27 6.29 -2.89
N ILE B 24 -31.37 7.06 -2.96
CA ILE B 24 -32.42 6.86 -3.98
C ILE B 24 -31.89 7.18 -5.39
N VAL B 25 -31.07 8.23 -5.53
CA VAL B 25 -30.40 8.55 -6.81
C VAL B 25 -29.54 7.36 -7.26
N ARG B 26 -28.67 6.90 -6.35
CA ARG B 26 -27.76 5.78 -6.59
C ARG B 26 -28.52 4.47 -6.89
N ALA B 27 -29.64 4.24 -6.18
CA ALA B 27 -30.50 3.06 -6.41
C ALA B 27 -30.98 3.01 -7.88
N GLN B 28 -31.19 4.19 -8.47
CA GLN B 28 -31.46 4.35 -9.95
C GLN B 28 -30.34 3.74 -10.80
N LYS B 29 -29.10 3.87 -10.33
CA LYS B 29 -27.92 3.48 -11.09
C LYS B 29 -27.55 2.01 -10.94
N LEU B 30 -28.28 1.25 -10.12
CA LEU B 30 -27.88 -0.12 -9.84
C LEU B 30 -28.00 -1.01 -11.06
N GLU B 31 -26.91 -1.69 -11.43
CA GLU B 31 -26.93 -2.55 -12.61
C GLU B 31 -27.51 -3.89 -12.25
N LYS B 32 -27.23 -4.32 -11.04
CA LYS B 32 -27.72 -5.59 -10.56
C LYS B 32 -28.29 -5.42 -9.14
N ALA B 33 -29.63 -5.42 -9.07
CA ALA B 33 -30.37 -5.24 -7.81
C ALA B 33 -30.22 -6.45 -6.90
N LYS B 34 -30.31 -7.64 -7.49
CA LYS B 34 -30.22 -8.86 -6.72
C LYS B 34 -28.79 -9.37 -6.75
N VAL B 35 -28.23 -9.57 -5.57
CA VAL B 35 -26.87 -10.09 -5.44
C VAL B 35 -26.90 -11.28 -4.49
N GLN B 36 -26.14 -12.31 -4.84
CA GLN B 36 -25.97 -13.47 -3.98
C GLN B 36 -24.55 -13.51 -3.49
N ILE B 37 -24.38 -13.38 -2.18
CA ILE B 37 -23.12 -13.52 -1.50
C ILE B 37 -22.97 -14.93 -0.95
N ALA B 38 -21.74 -15.45 -1.03
CA ALA B 38 -21.36 -16.72 -0.40
C ALA B 38 -20.33 -16.44 0.65
N VAL B 39 -20.54 -16.93 1.88
CA VAL B 39 -19.60 -16.73 3.02
C VAL B 39 -19.23 -18.05 3.66
N GLY B 40 -18.00 -18.19 4.11
CA GLY B 40 -17.55 -19.44 4.74
C GLY B 40 -17.45 -19.28 6.25
N GLY B 41 -18.58 -19.33 6.96
CA GLY B 41 -18.57 -19.17 8.42
C GLY B 41 -19.29 -17.96 8.92
N LYS B 42 -20.49 -17.77 8.39
CA LYS B 42 -21.31 -16.61 8.72
C LYS B 42 -21.43 -16.28 10.21
N PRO B 43 -21.58 -17.28 11.09
CA PRO B 43 -21.70 -16.99 12.54
C PRO B 43 -20.50 -16.37 13.22
N LEU B 44 -19.35 -16.42 12.56
CA LEU B 44 -18.09 -16.08 13.22
C LEU B 44 -17.90 -14.59 13.23
N ILE B 45 -17.27 -14.14 14.32
CA ILE B 45 -16.99 -12.73 14.53
C ILE B 45 -16.18 -12.15 13.37
N TYR B 46 -15.35 -12.97 12.75
CA TYR B 46 -14.59 -12.58 11.58
C TYR B 46 -15.50 -11.95 10.53
N TYR B 47 -16.77 -12.37 10.48
CA TYR B 47 -17.73 -11.82 9.53
C TYR B 47 -18.84 -11.03 10.14
N LEU B 48 -18.61 -10.49 11.33
CA LEU B 48 -19.69 -9.75 11.98
C LEU B 48 -20.23 -8.63 11.10
N PRO B 49 -19.36 -7.90 10.39
CA PRO B 49 -19.93 -6.80 9.63
C PRO B 49 -20.88 -7.25 8.52
N LEU B 50 -20.65 -8.38 7.89
CA LEU B 50 -21.67 -8.88 6.94
C LEU B 50 -23.05 -9.09 7.59
N THR B 51 -23.04 -9.67 8.79
CA THR B 51 -24.29 -9.87 9.52
C THR B 51 -24.97 -8.57 9.95
N ILE B 52 -24.19 -7.63 10.46
CA ILE B 52 -24.73 -6.32 10.86
C ILE B 52 -25.39 -5.61 9.65
N ALA B 53 -24.71 -5.64 8.51
CA ALA B 53 -25.27 -5.11 7.25
C ALA B 53 -26.62 -5.70 6.92
N GLU B 54 -26.76 -7.01 7.08
CA GLU B 54 -28.02 -7.69 6.90
C GLU B 54 -29.03 -7.27 7.95
N VAL B 55 -28.76 -7.53 9.22
CA VAL B 55 -29.81 -7.26 10.22
C VAL B 55 -30.15 -5.78 10.38
N LYS B 56 -29.19 -4.86 10.14
CA LYS B 56 -29.55 -3.42 10.23
C LYS B 56 -30.21 -2.90 8.96
N GLY B 57 -30.36 -3.74 7.94
CA GLY B 57 -30.97 -3.28 6.68
C GLY B 57 -30.10 -2.37 5.81
N PHE B 58 -28.78 -2.43 5.99
CA PHE B 58 -27.89 -1.56 5.23
C PHE B 58 -27.84 -1.88 3.75
N PHE B 59 -27.83 -3.16 3.38
CA PHE B 59 -27.96 -3.52 1.96
C PHE B 59 -29.30 -2.96 1.42
N LYS B 60 -30.36 -3.25 2.14
CA LYS B 60 -31.67 -2.79 1.69
C LYS B 60 -31.68 -1.26 1.54
N ASP B 61 -30.97 -0.53 2.40
CA ASP B 61 -30.88 0.92 2.26
C ASP B 61 -30.26 1.32 0.92
N GLU B 62 -29.44 0.47 0.33
CA GLU B 62 -28.83 0.78 -0.95
C GLU B 62 -29.70 0.31 -2.13
N GLY B 63 -30.85 -0.30 -1.85
CA GLY B 63 -31.73 -0.83 -2.91
C GLY B 63 -31.42 -2.24 -3.38
N LEU B 64 -30.54 -2.92 -2.66
CA LEU B 64 -30.11 -4.26 -2.98
C LEU B 64 -31.03 -5.28 -2.34
N ASP B 65 -31.29 -6.36 -3.06
CA ASP B 65 -31.86 -7.57 -2.48
C ASP B 65 -30.70 -8.58 -2.38
N VAL B 66 -30.10 -8.66 -1.19
CA VAL B 66 -28.88 -9.50 -1.01
C VAL B 66 -29.27 -10.79 -0.35
N SER B 67 -28.95 -11.92 -0.96
CA SER B 67 -29.09 -13.20 -0.30
C SER B 67 -27.71 -13.68 0.06
N ILE B 68 -27.61 -14.37 1.19
CA ILE B 68 -26.33 -14.87 1.72
C ILE B 68 -26.42 -16.37 1.88
N ALA B 69 -25.55 -17.11 1.20
CA ALA B 69 -25.48 -18.57 1.38
C ALA B 69 -24.25 -18.86 2.23
N ASP B 70 -24.40 -19.67 3.28
CA ASP B 70 -23.33 -19.94 4.23
C ASP B 70 -22.74 -21.30 3.94
N PHE B 71 -21.45 -21.38 4.14
CA PHE B 71 -20.66 -22.56 3.85
C PHE B 71 -19.76 -22.85 5.04
N ALA B 72 -19.22 -24.05 5.05
CA ALA B 72 -18.43 -24.58 6.18
C ALA B 72 -17.09 -23.85 6.29
N GLY B 73 -16.61 -23.30 5.18
CA GLY B 73 -15.29 -22.63 5.12
C GLY B 73 -15.14 -21.86 3.85
N GLY B 74 -14.15 -20.95 3.83
CA GLY B 74 -13.99 -20.02 2.74
C GLY B 74 -13.76 -20.65 1.38
N SER B 75 -13.08 -21.78 1.36
CA SER B 75 -12.85 -22.47 0.10
C SER B 75 -14.14 -22.90 -0.60
N LYS B 76 -15.13 -23.29 0.20
CA LYS B 76 -16.40 -23.77 -0.33
C LYS B 76 -17.19 -22.56 -0.86
N ALA B 77 -17.17 -21.48 -0.09
CA ALA B 77 -17.79 -20.17 -0.47
C ALA B 77 -17.21 -19.62 -1.81
N LEU B 78 -15.88 -19.70 -1.95
CA LEU B 78 -15.22 -19.30 -3.18
C LEU B 78 -15.74 -20.15 -4.31
N GLN B 79 -15.84 -21.45 -4.06
CA GLN B 79 -16.21 -22.36 -5.15
C GLN B 79 -17.61 -22.04 -5.64
N ALA B 80 -18.47 -21.55 -4.76
CA ALA B 80 -19.82 -21.19 -5.17
C ALA B 80 -19.82 -20.01 -6.15
N VAL B 81 -18.88 -19.09 -6.04
CA VAL B 81 -18.81 -17.93 -6.94
C VAL B 81 -18.10 -18.37 -8.26
N VAL B 82 -16.99 -19.10 -8.14
CA VAL B 82 -16.32 -19.70 -9.30
C VAL B 82 -17.30 -20.48 -10.20
N GLY B 83 -18.15 -21.28 -9.57
CA GLY B 83 -19.18 -22.09 -10.25
C GLY B 83 -20.41 -21.31 -10.73
N GLY B 84 -20.55 -20.06 -10.29
CA GLY B 84 -21.60 -19.19 -10.79
C GLY B 84 -22.91 -19.25 -10.03
N SER B 85 -22.99 -20.04 -8.96
CA SER B 85 -24.21 -20.09 -8.20
C SER B 85 -24.24 -18.92 -7.18
N ALA B 86 -23.12 -18.26 -6.97
CA ALA B 86 -23.12 -16.98 -6.23
C ALA B 86 -22.36 -15.90 -7.01
N ASP B 87 -22.55 -14.64 -6.62
CA ASP B 87 -21.98 -13.47 -7.35
C ASP B 87 -20.71 -12.92 -6.75
N VAL B 88 -20.67 -12.84 -5.42
CA VAL B 88 -19.63 -12.15 -4.64
C VAL B 88 -19.26 -13.00 -3.43
N VAL B 89 -17.98 -13.10 -3.12
CA VAL B 89 -17.54 -13.87 -1.95
C VAL B 89 -17.38 -12.90 -0.79
N SER B 90 -17.91 -13.22 0.39
CA SER B 90 -17.46 -12.67 1.68
C SER B 90 -16.43 -13.65 2.28
N GLY B 91 -15.16 -13.27 2.32
CA GLY B 91 -14.07 -14.23 2.55
C GLY B 91 -12.74 -13.52 2.71
N ALA B 92 -11.72 -14.31 3.02
CA ALA B 92 -10.35 -13.88 3.28
C ALA B 92 -9.71 -13.31 2.01
N PHE B 93 -9.16 -12.13 2.16
CA PHE B 93 -8.44 -11.45 1.08
C PHE B 93 -7.41 -12.24 0.24
N GLU B 94 -6.52 -12.96 0.90
CA GLU B 94 -5.46 -13.70 0.19
C GLU B 94 -5.94 -14.64 -0.91
N HIS B 95 -7.19 -15.10 -0.84
CA HIS B 95 -7.75 -15.90 -1.93
C HIS B 95 -7.58 -15.19 -3.29
N THR B 96 -7.60 -13.85 -3.30
CA THR B 96 -7.45 -13.07 -4.54
C THR B 96 -6.07 -13.32 -5.19
N LEU B 97 -5.08 -13.54 -4.34
CA LEU B 97 -3.72 -13.80 -4.79
C LEU B 97 -3.60 -15.19 -5.38
N SER B 98 -4.09 -16.19 -4.65
CA SER B 98 -4.08 -17.56 -5.11
C SER B 98 -4.86 -17.67 -6.41
N LEU B 99 -6.02 -17.03 -6.51
CA LEU B 99 -6.76 -17.08 -7.78
C LEU B 99 -5.92 -16.51 -8.96
N GLN B 100 -5.32 -15.36 -8.74
CA GLN B 100 -4.53 -14.72 -9.81
C GLN B 100 -3.39 -15.59 -10.31
N ALA B 101 -2.73 -16.34 -9.42
CA ALA B 101 -1.67 -17.27 -9.84
C ALA B 101 -2.22 -18.35 -10.77
N LYS B 102 -3.53 -18.53 -10.83
CA LYS B 102 -4.14 -19.47 -11.76
C LYS B 102 -4.77 -18.76 -12.98
N GLY B 103 -4.52 -17.47 -13.12
CA GLY B 103 -5.08 -16.70 -14.22
C GLY B 103 -6.50 -16.21 -13.97
N GLN B 104 -6.92 -16.28 -12.73
CA GLN B 104 -8.29 -15.89 -12.36
C GLN B 104 -8.24 -14.57 -11.63
N PHE B 105 -8.98 -13.59 -12.15
CA PHE B 105 -8.86 -12.21 -11.70
C PHE B 105 -10.08 -11.82 -10.91
N TYR B 106 -9.85 -11.66 -9.60
CA TYR B 106 -10.84 -11.29 -8.62
C TYR B 106 -10.32 -10.09 -7.82
N ARG B 107 -11.22 -9.24 -7.36
CA ARG B 107 -10.85 -7.96 -6.76
C ARG B 107 -11.53 -7.83 -5.38
N ALA B 108 -10.75 -7.60 -4.33
CA ALA B 108 -11.33 -7.25 -3.00
C ALA B 108 -11.71 -5.79 -3.02
N PHE B 109 -12.88 -5.43 -2.52
CA PHE B 109 -13.34 -4.06 -2.60
C PHE B 109 -14.01 -3.46 -1.34
N ALA B 110 -14.17 -4.24 -0.30
CA ALA B 110 -14.63 -3.69 1.00
C ALA B 110 -14.08 -4.52 2.15
N LEU B 111 -13.47 -3.90 3.15
CA LEU B 111 -12.89 -4.69 4.24
C LEU B 111 -13.83 -4.85 5.40
N GLN B 112 -13.80 -6.07 5.95
CA GLN B 112 -14.44 -6.48 7.20
C GLN B 112 -13.45 -6.68 8.30
N GLY B 113 -12.34 -7.37 8.03
CA GLY B 113 -11.32 -7.50 9.06
C GLY B 113 -9.95 -6.96 8.67
N ARG B 114 -9.30 -6.26 9.59
CA ARG B 114 -7.95 -5.75 9.36
C ARG B 114 -6.83 -6.63 9.95
N ALA B 115 -7.20 -7.75 10.58
CA ALA B 115 -6.26 -8.76 11.06
C ALA B 115 -6.94 -10.11 10.91
N PRO B 116 -6.17 -11.20 10.82
CA PRO B 116 -6.92 -12.44 10.53
C PRO B 116 -7.88 -12.92 11.65
N MSE B 117 -7.59 -12.58 12.92
CA MSE B 117 -8.44 -12.97 14.00
C MSE B 117 -8.60 -14.49 14.07
O MSE B 117 -9.65 -15.00 14.53
CB MSE B 117 -9.80 -12.29 13.84
CG MSE B 117 -9.72 -10.82 14.04
SE MSE B 117 -11.46 -9.97 13.82
CE MSE B 117 -11.59 -10.25 11.92
N ILE B 118 -7.57 -15.19 13.61
CA ILE B 118 -7.54 -16.62 13.55
C ILE B 118 -6.65 -17.11 14.68
N GLY B 119 -7.18 -18.06 15.45
CA GLY B 119 -6.48 -18.74 16.55
C GLY B 119 -6.17 -20.21 16.18
N VAL B 120 -4.96 -20.62 16.48
CA VAL B 120 -4.59 -22.03 16.38
C VAL B 120 -4.35 -22.51 17.82
N GLY B 121 -5.05 -23.57 18.18
CA GLY B 121 -5.01 -24.10 19.54
C GLY B 121 -4.88 -25.63 19.55
N VAL B 122 -3.98 -26.11 20.40
CA VAL B 122 -3.70 -27.53 20.56
C VAL B 122 -4.62 -28.14 21.63
N SER B 123 -5.09 -29.37 21.38
CA SER B 123 -5.95 -30.11 22.32
C SER B 123 -5.14 -30.47 23.56
N LYS B 124 -5.56 -30.03 24.74
CA LYS B 124 -4.87 -30.42 25.98
C LYS B 124 -5.18 -31.88 26.37
N LYS B 125 -6.41 -32.29 26.07
CA LYS B 125 -6.83 -33.67 26.22
C LYS B 125 -6.06 -34.63 25.30
N ASN B 126 -5.86 -34.29 24.03
CA ASN B 126 -5.17 -35.22 23.12
C ASN B 126 -3.65 -35.08 23.12
N LEU B 127 -3.13 -33.89 23.45
CA LEU B 127 -1.67 -33.64 23.53
C LEU B 127 -1.34 -32.73 24.72
N PRO B 128 -1.54 -33.22 25.96
CA PRO B 128 -1.18 -32.43 27.15
C PRO B 128 0.32 -32.21 27.30
N GLY B 129 1.14 -33.06 26.67
CA GLY B 129 2.60 -32.88 26.64
C GLY B 129 3.17 -32.12 25.44
N TYR B 130 2.34 -31.37 24.71
CA TYR B 130 2.79 -30.60 23.53
C TYR B 130 4.06 -29.79 23.87
N LYS B 131 5.16 -30.11 23.19
CA LYS B 131 6.43 -29.45 23.48
C LYS B 131 6.57 -28.25 22.56
N GLY B 132 6.14 -28.39 21.32
CA GLY B 132 6.34 -27.37 20.31
C GLY B 132 6.01 -27.98 18.96
N PRO B 133 6.32 -27.25 17.88
CA PRO B 133 5.74 -27.59 16.56
C PRO B 133 5.98 -29.02 16.03
N ALA B 134 7.08 -29.67 16.42
CA ALA B 134 7.32 -31.06 16.02
C ALA B 134 6.17 -32.02 16.40
N ASP B 135 5.46 -31.69 17.48
CA ASP B 135 4.37 -32.54 18.01
C ASP B 135 3.14 -32.68 17.11
N LEU B 136 2.92 -31.71 16.24
CA LEU B 136 1.82 -31.78 15.30
C LEU B 136 2.10 -32.78 14.16
N LYS B 137 3.36 -33.11 13.94
CA LYS B 137 3.71 -34.13 12.93
C LYS B 137 2.83 -35.36 13.20
N GLY B 138 2.10 -35.77 12.17
CA GLY B 138 1.25 -36.96 12.22
C GLY B 138 -0.15 -36.77 12.78
N ARG B 139 -0.56 -35.53 13.06
CA ARG B 139 -1.78 -35.27 13.84
C ARG B 139 -2.92 -34.63 13.02
N LYS B 140 -4.14 -34.84 13.50
CA LYS B 140 -5.34 -34.32 12.88
C LYS B 140 -5.59 -32.90 13.36
N ILE B 141 -5.58 -31.94 12.43
CA ILE B 141 -5.82 -30.53 12.75
C ILE B 141 -7.13 -30.09 12.15
N GLY B 142 -7.98 -29.47 12.97
CA GLY B 142 -9.29 -29.04 12.49
C GLY B 142 -9.22 -27.67 11.81
N VAL B 143 -9.77 -27.60 10.60
CA VAL B 143 -9.94 -26.31 9.90
C VAL B 143 -11.41 -26.06 9.66
N THR B 144 -11.79 -24.86 9.23
CA THR B 144 -13.14 -24.62 8.81
C THR B 144 -13.45 -25.53 7.58
N ALA B 145 -12.62 -25.40 6.54
CA ALA B 145 -12.62 -26.31 5.38
C ALA B 145 -11.24 -26.33 4.75
N PRO B 146 -10.80 -27.52 4.35
CA PRO B 146 -9.49 -27.56 3.68
C PRO B 146 -9.37 -26.50 2.60
N GLY B 147 -8.21 -25.86 2.53
CA GLY B 147 -7.98 -24.79 1.55
C GLY B 147 -8.41 -23.41 2.04
N SER B 148 -9.10 -23.32 3.17
CA SER B 148 -9.58 -22.01 3.63
C SER B 148 -8.46 -21.28 4.36
N SER B 149 -8.71 -20.00 4.68
CA SER B 149 -7.74 -19.18 5.42
C SER B 149 -7.39 -19.78 6.79
N THR B 150 -8.32 -20.44 7.48
CA THR B 150 -7.91 -21.07 8.74
C THR B 150 -6.84 -22.17 8.46
N ASN B 151 -6.99 -22.85 7.33
CA ASN B 151 -5.98 -23.88 6.87
C ASN B 151 -4.63 -23.30 6.44
N MSE B 152 -4.67 -22.16 5.74
CA MSE B 152 -3.45 -21.51 5.31
CA MSE B 152 -3.46 -21.40 5.31
C MSE B 152 -2.67 -20.92 6.49
O MSE B 152 -1.45 -20.92 6.44
CB MSE B 152 -3.76 -20.46 4.23
CB MSE B 152 -3.78 -20.15 4.43
CG MSE B 152 -4.15 -21.12 2.90
CG MSE B 152 -3.89 -18.74 5.15
SE MSE B 152 -4.57 -19.85 1.46
SE MSE B 152 -2.29 -17.54 5.46
CE MSE B 152 -6.21 -19.00 2.16
CE MSE B 152 -2.36 -16.52 3.82
N VAL B 153 -3.36 -20.44 7.53
CA VAL B 153 -2.65 -19.91 8.71
C VAL B 153 -1.84 -21.04 9.32
N VAL B 154 -2.41 -22.24 9.39
CA VAL B 154 -1.69 -23.39 9.94
C VAL B 154 -0.47 -23.80 9.09
N ASN B 155 -0.67 -23.84 7.77
CA ASN B 155 0.37 -24.24 6.84
C ASN B 155 1.52 -23.23 6.82
N PHE B 156 1.18 -21.94 6.95
CA PHE B 156 2.21 -20.91 7.06
C PHE B 156 3.07 -21.21 8.30
N PHE B 157 2.36 -21.36 9.43
CA PHE B 157 3.01 -21.69 10.68
C PHE B 157 3.92 -22.91 10.59
N LEU B 158 3.44 -23.97 9.93
CA LEU B 158 4.21 -25.21 9.78
C LEU B 158 5.49 -24.96 8.96
N ALA B 159 5.32 -24.18 7.88
CA ALA B 159 6.44 -23.74 7.04
C ALA B 159 7.44 -22.95 7.88
N LYS B 160 6.94 -22.04 8.70
CA LYS B 160 7.78 -21.22 9.58
C LYS B 160 8.58 -22.08 10.59
N HIS B 161 8.16 -23.32 10.83
CA HIS B 161 8.86 -24.21 11.77
C HIS B 161 9.39 -25.50 11.15
N GLY B 162 9.43 -25.56 9.82
CA GLY B 162 10.20 -26.61 9.13
C GLY B 162 9.43 -27.87 8.77
N LEU B 163 8.12 -27.85 9.02
CA LEU B 163 7.22 -28.94 8.62
C LEU B 163 6.43 -28.53 7.37
N LYS B 164 5.95 -29.52 6.60
CA LYS B 164 5.07 -29.25 5.45
C LYS B 164 3.63 -29.71 5.70
N ALA B 165 2.74 -29.31 4.80
CA ALA B 165 1.31 -29.62 4.90
C ALA B 165 0.98 -31.13 5.06
N SER B 166 1.68 -31.98 4.31
CA SER B 166 1.45 -33.43 4.38
C SER B 166 2.07 -34.09 5.63
N ASP B 167 2.84 -33.33 6.42
CA ASP B 167 3.26 -33.78 7.76
C ASP B 167 2.10 -33.88 8.76
N VAL B 168 0.98 -33.21 8.47
CA VAL B 168 -0.19 -33.26 9.34
C VAL B 168 -1.43 -33.67 8.55
N SER B 169 -2.58 -33.68 9.21
CA SER B 169 -3.83 -34.09 8.57
C SER B 169 -4.94 -33.07 8.86
N PHE B 170 -5.42 -32.42 7.80
CA PHE B 170 -6.48 -31.42 7.92
C PHE B 170 -7.84 -32.05 7.75
N ILE B 171 -8.65 -31.90 8.77
CA ILE B 171 -10.05 -32.28 8.75
C ILE B 171 -10.89 -31.00 8.80
N GLY B 172 -11.81 -30.87 7.85
CA GLY B 172 -12.80 -29.80 7.88
C GLY B 172 -13.86 -30.06 8.94
N VAL B 173 -14.06 -29.06 9.81
CA VAL B 173 -14.96 -29.15 10.96
C VAL B 173 -15.93 -27.95 11.07
N GLY B 174 -15.85 -26.99 10.15
CA GLY B 174 -16.87 -25.93 10.08
C GLY B 174 -16.59 -24.74 11.01
N ALA B 175 -17.60 -23.89 11.18
CA ALA B 175 -17.46 -22.61 11.89
C ALA B 175 -18.36 -22.52 13.13
N GLY B 176 -18.69 -23.65 13.76
CA GLY B 176 -19.65 -23.59 14.87
C GLY B 176 -19.51 -24.62 15.97
N ALA B 177 -20.67 -25.10 16.41
CA ALA B 177 -20.73 -26.04 17.52
C ALA B 177 -19.98 -27.28 17.09
N GLY B 178 -20.17 -27.68 15.83
CA GLY B 178 -19.45 -28.82 15.29
C GLY B 178 -17.96 -28.69 15.51
N ALA B 179 -17.40 -27.49 15.32
CA ALA B 179 -15.96 -27.25 15.50
C ALA B 179 -15.59 -27.45 16.95
N VAL B 180 -16.39 -26.89 17.86
CA VAL B 180 -16.15 -27.02 19.31
C VAL B 180 -16.22 -28.52 19.72
N THR B 181 -17.27 -29.19 19.28
CA THR B 181 -17.46 -30.59 19.56
C THR B 181 -16.28 -31.44 19.06
N ALA B 182 -15.83 -31.18 17.84
CA ALA B 182 -14.71 -31.97 17.29
C ALA B 182 -13.51 -31.89 18.23
N LEU B 183 -13.25 -30.71 18.78
CA LEU B 183 -12.10 -30.54 19.66
C LEU B 183 -12.35 -31.30 20.95
N ARG B 184 -13.46 -30.97 21.62
CA ARG B 184 -13.81 -31.58 22.93
C ARG B 184 -13.97 -33.10 22.92
N SER B 185 -14.55 -33.61 21.84
CA SER B 185 -14.79 -35.04 21.70
C SER B 185 -13.49 -35.81 21.51
N GLY B 186 -12.40 -35.14 21.19
CA GLY B 186 -11.15 -35.78 20.83
C GLY B 186 -11.05 -36.14 19.36
N GLN B 187 -12.01 -35.73 18.54
CA GLN B 187 -11.94 -36.04 17.09
C GLN B 187 -10.76 -35.31 16.39
N ILE B 188 -10.39 -34.10 16.86
CA ILE B 188 -9.15 -33.42 16.41
C ILE B 188 -8.15 -33.15 17.55
N ASP B 189 -6.85 -33.12 17.19
CA ASP B 189 -5.72 -32.87 18.10
C ASP B 189 -5.36 -31.39 18.20
N ALA B 190 -5.82 -30.61 17.23
CA ALA B 190 -5.71 -29.15 17.26
C ALA B 190 -6.76 -28.57 16.36
N ILE B 191 -6.96 -27.26 16.52
CA ILE B 191 -7.99 -26.52 15.82
C ILE B 191 -7.52 -25.11 15.40
N SER B 192 -7.80 -24.79 14.13
CA SER B 192 -7.63 -23.45 13.60
C SER B 192 -9.02 -22.88 13.35
N ASN B 193 -9.37 -21.79 14.02
CA ASN B 193 -10.72 -21.18 13.84
C ASN B 193 -10.75 -19.70 14.33
N THR B 194 -11.93 -19.07 14.37
CA THR B 194 -12.01 -17.71 14.90
C THR B 194 -12.95 -17.69 16.10
N ASP B 195 -13.08 -16.52 16.72
CA ASP B 195 -14.09 -16.32 17.75
C ASP B 195 -15.45 -16.30 17.12
N PRO B 196 -16.47 -16.72 17.91
CA PRO B 196 -16.38 -17.12 19.34
C PRO B 196 -15.94 -18.59 19.58
N VAL B 197 -15.63 -19.34 18.54
CA VAL B 197 -15.27 -20.76 18.69
C VAL B 197 -13.97 -20.88 19.49
N VAL B 198 -12.99 -20.05 19.14
CA VAL B 198 -11.69 -20.05 19.83
C VAL B 198 -11.90 -19.68 21.31
N SER B 199 -12.64 -18.62 21.56
CA SER B 199 -12.94 -18.21 22.93
C SER B 199 -13.71 -19.24 23.75
N MSE B 200 -14.66 -19.97 23.14
CA MSE B 200 -15.42 -20.99 23.89
C MSE B 200 -14.44 -22.05 24.44
O MSE B 200 -14.40 -22.35 25.64
CB MSE B 200 -16.55 -21.64 23.06
N LEU B 201 -13.58 -22.52 23.54
CA LEU B 201 -12.59 -23.53 23.88
C LEU B 201 -11.50 -23.07 24.85
N GLU B 202 -11.07 -21.81 24.77
CA GLU B 202 -10.10 -21.26 25.73
C GLU B 202 -10.70 -21.21 27.12
N THR B 203 -11.91 -20.65 27.22
CA THR B 203 -12.60 -20.48 28.49
C THR B 203 -12.89 -21.79 29.21
N SER B 204 -13.20 -22.85 28.46
CA SER B 204 -13.40 -24.14 29.09
C SER B 204 -12.08 -24.92 29.33
N GLY B 205 -10.93 -24.30 29.03
CA GLY B 205 -9.65 -24.96 29.29
C GLY B 205 -9.28 -26.07 28.33
N ASP B 206 -9.94 -26.12 27.19
CA ASP B 206 -9.73 -27.21 26.22
C ASP B 206 -8.54 -27.05 25.24
N ILE B 207 -7.95 -25.85 25.11
CA ILE B 207 -6.89 -25.66 24.12
C ILE B 207 -5.71 -24.80 24.57
N GLN B 208 -4.54 -25.14 24.06
CA GLN B 208 -3.35 -24.36 24.28
C GLN B 208 -3.19 -23.59 23.00
N ILE B 209 -3.25 -22.26 23.10
CA ILE B 209 -3.10 -21.36 21.97
C ILE B 209 -1.67 -21.30 21.53
N ILE B 210 -1.41 -21.65 20.27
CA ILE B 210 -0.06 -21.59 19.74
C ILE B 210 0.13 -20.56 18.61
N VAL B 211 -0.96 -20.08 18.01
CA VAL B 211 -0.88 -19.03 17.01
C VAL B 211 -2.10 -18.15 17.28
N ASP B 212 -1.89 -16.86 17.41
CA ASP B 212 -2.98 -15.92 17.69
C ASP B 212 -2.81 -14.68 16.85
N THR B 213 -3.86 -14.29 16.13
CA THR B 213 -3.76 -13.17 15.22
C THR B 213 -4.94 -12.25 15.40
N ARG B 214 -5.42 -12.17 16.64
CA ARG B 214 -6.55 -11.33 16.97
C ARG B 214 -6.16 -9.89 17.16
N THR B 215 -4.89 -9.63 17.50
CA THR B 215 -4.40 -8.26 17.58
C THR B 215 -3.54 -7.89 16.38
N LEU B 216 -3.51 -6.58 16.09
CA LEU B 216 -2.58 -6.02 15.12
C LEU B 216 -1.12 -6.32 15.53
N LYS B 217 -0.80 -6.26 16.82
CA LYS B 217 0.56 -6.54 17.30
C LYS B 217 0.99 -7.96 16.89
N ASP B 218 0.24 -8.97 17.34
CA ASP B 218 0.61 -10.35 17.09
C ASP B 218 0.59 -10.66 15.59
N THR B 219 -0.33 -10.04 14.84
CA THR B 219 -0.35 -10.25 13.40
C THR B 219 0.94 -9.73 12.77
N LYS B 220 1.36 -8.51 13.14
CA LYS B 220 2.52 -7.84 12.50
C LYS B 220 3.78 -8.64 12.81
N GLU B 221 3.79 -9.27 13.96
CA GLU B 221 4.88 -10.16 14.35
C GLU B 221 4.96 -11.46 13.56
N ILE B 222 3.83 -12.10 13.28
CA ILE B 222 3.90 -13.33 12.52
C ILE B 222 4.12 -13.10 11.05
N PHE B 223 3.48 -12.06 10.52
CA PHE B 223 3.43 -11.86 9.08
C PHE B 223 4.30 -10.71 8.59
N GLY B 224 4.92 -9.98 9.51
CA GLY B 224 5.74 -8.85 9.14
C GLY B 224 4.99 -7.66 8.59
N GLY B 225 3.65 -7.67 8.66
CA GLY B 225 2.85 -6.57 8.12
C GLY B 225 1.35 -6.65 8.41
N ASN B 226 0.62 -5.66 7.91
CA ASN B 226 -0.83 -5.71 7.84
C ASN B 226 -1.23 -6.93 7.00
N MSE B 227 -2.18 -7.68 7.55
CA MSE B 227 -2.76 -8.85 6.92
C MSE B 227 -4.27 -8.65 6.81
O MSE B 227 -5.02 -8.99 7.72
CB MSE B 227 -2.44 -10.12 7.75
CG MSE B 227 -1.18 -10.83 7.27
SE MSE B 227 -1.34 -11.46 5.38
CE MSE B 227 -2.73 -12.83 5.58
N PRO B 228 -4.73 -8.08 5.68
CA PRO B 228 -6.16 -7.95 5.51
C PRO B 228 -6.80 -9.34 5.56
N ALA B 229 -7.96 -9.41 6.19
CA ALA B 229 -8.64 -10.67 6.38
C ALA B 229 -9.98 -10.64 5.66
N GLY B 230 -11.06 -10.60 6.41
CA GLY B 230 -12.35 -10.69 5.80
C GLY B 230 -12.62 -9.53 4.90
N CYS B 231 -13.17 -9.84 3.71
CA CYS B 231 -13.60 -8.79 2.78
C CYS B 231 -14.69 -9.22 1.83
N LEU B 232 -15.36 -8.30 1.12
CA LEU B 232 -16.07 -8.71 -0.11
C LEU B 232 -15.07 -8.65 -1.25
N TYR B 233 -15.10 -9.70 -2.07
CA TYR B 233 -14.31 -9.78 -3.28
C TYR B 233 -15.10 -10.59 -4.35
N ALA B 234 -14.73 -10.40 -5.63
CA ALA B 234 -15.53 -10.89 -6.74
C ALA B 234 -14.77 -10.92 -8.05
N PRO B 235 -15.26 -11.70 -9.01
CA PRO B 235 -14.55 -11.62 -10.33
C PRO B 235 -14.47 -10.19 -10.80
N GLN B 236 -13.32 -9.83 -11.41
CA GLN B 236 -13.12 -8.48 -11.89
C GLN B 236 -14.28 -8.13 -12.84
N ALA B 237 -14.75 -9.12 -13.60
CA ALA B 237 -15.80 -8.90 -14.58
C ALA B 237 -17.09 -8.43 -13.90
N PHE B 238 -17.34 -8.93 -12.69
CA PHE B 238 -18.51 -8.54 -11.93
C PHE B 238 -18.38 -7.08 -11.50
N VAL B 239 -17.20 -6.71 -11.03
CA VAL B 239 -16.95 -5.28 -10.72
C VAL B 239 -17.04 -4.36 -11.92
N ASP B 240 -16.50 -4.80 -13.06
CA ASP B 240 -16.55 -4.03 -14.30
C ASP B 240 -18.01 -3.80 -14.80
N ALA B 241 -18.85 -4.84 -14.74
CA ALA B 241 -20.21 -4.74 -15.24
C ALA B 241 -21.12 -4.03 -14.25
N ASN B 242 -20.80 -4.10 -12.96
CA ASN B 242 -21.70 -3.65 -11.91
C ASN B 242 -21.06 -2.73 -10.89
N PRO B 243 -20.42 -1.67 -11.35
CA PRO B 243 -19.76 -0.76 -10.41
C PRO B 243 -20.68 -0.18 -9.35
N ASN B 244 -21.90 0.21 -9.72
CA ASN B 244 -22.80 0.84 -8.77
C ASN B 244 -23.32 -0.13 -7.70
N THR B 245 -23.63 -1.34 -8.13
CA THR B 245 -23.89 -2.44 -7.23
C THR B 245 -22.69 -2.68 -6.29
N ALA B 246 -21.47 -2.58 -6.82
CA ALA B 246 -20.29 -2.84 -5.95
C ALA B 246 -20.20 -1.72 -4.90
N GLN B 247 -20.42 -0.48 -5.33
CA GLN B 247 -20.50 0.66 -4.44
C GLN B 247 -21.60 0.50 -3.37
N ALA B 248 -22.74 -0.07 -3.78
CA ALA B 248 -23.83 -0.30 -2.82
C ALA B 248 -23.42 -1.35 -1.80
N LEU B 249 -22.75 -2.41 -2.23
CA LEU B 249 -22.29 -3.44 -1.28
C LEU B 249 -21.32 -2.85 -0.27
N THR B 250 -20.41 -2.02 -0.78
CA THR B 250 -19.35 -1.42 0.01
C THR B 250 -19.88 -0.40 1.01
N ASN B 251 -20.84 0.42 0.56
CA ASN B 251 -21.56 1.31 1.46
C ASN B 251 -22.10 0.56 2.68
N ALA B 252 -22.70 -0.60 2.47
CA ALA B 252 -23.36 -1.33 3.52
C ALA B 252 -22.33 -1.93 4.50
N ILE B 253 -21.25 -2.49 3.95
CA ILE B 253 -20.17 -3.02 4.80
C ILE B 253 -19.46 -1.93 5.60
N VAL B 254 -19.21 -0.77 4.98
CA VAL B 254 -18.59 0.35 5.68
C VAL B 254 -19.47 0.84 6.81
N ARG B 255 -20.76 0.99 6.54
CA ARG B 255 -21.67 1.43 7.55
C ARG B 255 -21.77 0.47 8.74
N ALA B 256 -21.70 -0.85 8.45
CA ALA B 256 -21.67 -1.90 9.45
C ALA B 256 -20.37 -1.88 10.25
N ASP B 257 -19.20 -1.82 9.56
CA ASP B 257 -17.94 -1.53 10.25
C ASP B 257 -18.10 -0.40 11.23
N LYS B 258 -18.66 0.70 10.77
CA LYS B 258 -18.80 1.91 11.66
C LYS B 258 -19.77 1.72 12.82
N TRP B 259 -20.84 0.98 12.58
CA TRP B 259 -21.77 0.70 13.67
C TRP B 259 -21.08 -0.19 14.71
N ILE B 260 -20.33 -1.21 14.25
CA ILE B 260 -19.68 -2.14 15.18
C ILE B 260 -18.75 -1.34 16.10
N GLN B 261 -18.00 -0.38 15.54
CA GLN B 261 -17.00 0.34 16.35
C GLN B 261 -17.62 1.10 17.49
N LYS B 262 -18.83 1.62 17.29
CA LYS B 262 -19.50 2.40 18.32
C LYS B 262 -20.47 1.60 19.20
N ALA B 263 -20.73 0.34 18.85
CA ALA B 263 -21.76 -0.49 19.53
C ALA B 263 -21.17 -1.20 20.74
N GLY B 264 -21.97 -1.38 21.78
CA GLY B 264 -21.56 -2.18 22.96
C GLY B 264 -21.56 -3.66 22.60
N ALA B 265 -20.61 -4.44 23.15
CA ALA B 265 -20.62 -5.93 23.00
C ALA B 265 -22.02 -6.48 23.23
N ASP B 266 -22.70 -5.88 24.19
CA ASP B 266 -24.08 -6.15 24.50
C ASP B 266 -25.10 -5.88 23.41
N GLU B 267 -25.00 -4.73 22.76
CA GLU B 267 -25.88 -4.42 21.62
C GLU B 267 -25.64 -5.36 20.45
N ILE B 268 -24.37 -5.67 20.20
CA ILE B 268 -24.02 -6.62 19.11
C ILE B 268 -24.61 -8.03 19.41
N ALA B 269 -24.46 -8.52 20.63
CA ALA B 269 -25.03 -9.81 21.07
C ALA B 269 -26.54 -9.89 20.88
N LYS B 270 -27.24 -8.76 21.07
CA LYS B 270 -28.69 -8.69 20.82
C LYS B 270 -29.06 -8.62 19.33
N ALA B 271 -28.19 -8.03 18.49
CA ALA B 271 -28.49 -7.89 17.05
C ALA B 271 -28.27 -9.16 16.25
N VAL B 272 -27.30 -9.99 16.65
CA VAL B 272 -27.00 -11.19 15.90
C VAL B 272 -28.04 -12.28 16.16
N PRO B 273 -28.24 -13.19 15.21
CA PRO B 273 -29.07 -14.34 15.57
C PRO B 273 -28.51 -15.09 16.79
N GLU B 274 -29.44 -15.52 17.64
CA GLU B 274 -29.14 -16.19 18.91
C GLU B 274 -28.17 -17.37 18.73
N GLY B 275 -28.32 -18.10 17.63
CA GLY B 275 -27.41 -19.18 17.34
C GLY B 275 -25.94 -18.79 17.33
N TYR B 276 -25.64 -17.55 16.99
CA TYR B 276 -24.25 -17.07 16.99
C TYR B 276 -23.60 -17.12 18.36
N LEU B 277 -24.41 -17.09 19.42
CA LEU B 277 -23.92 -17.01 20.81
C LEU B 277 -23.44 -18.31 21.34
N LEU B 278 -23.68 -19.40 20.61
CA LEU B 278 -23.26 -20.75 21.04
C LEU B 278 -23.79 -21.08 22.43
N GLY B 279 -25.02 -20.67 22.72
CA GLY B 279 -25.58 -20.90 24.02
C GLY B 279 -24.93 -20.21 25.20
N ASP B 280 -24.03 -19.27 24.94
CA ASP B 280 -23.25 -18.66 26.01
C ASP B 280 -23.02 -17.17 25.73
N PRO B 281 -23.98 -16.32 26.13
CA PRO B 281 -23.86 -14.92 25.78
C PRO B 281 -22.62 -14.27 26.39
N ALA B 282 -22.32 -14.58 27.65
CA ALA B 282 -21.11 -14.08 28.30
C ALA B 282 -19.84 -14.37 27.50
N VAL B 283 -19.68 -15.59 27.00
CA VAL B 283 -18.50 -15.89 26.20
C VAL B 283 -18.52 -15.11 24.87
N TYR B 284 -19.68 -14.99 24.24
CA TYR B 284 -19.74 -14.29 22.98
C TYR B 284 -19.31 -12.84 23.17
N LYS B 285 -19.85 -12.19 24.20
CA LYS B 285 -19.48 -10.82 24.51
C LYS B 285 -18.00 -10.61 24.86
N ALA B 286 -17.41 -11.49 25.66
CA ALA B 286 -15.94 -11.45 25.87
C ALA B 286 -15.15 -11.69 24.57
N ALA B 287 -15.68 -12.54 23.69
CA ALA B 287 -15.03 -12.84 22.44
C ALA B 287 -14.99 -11.56 21.57
N ILE B 288 -16.08 -10.79 21.61
CA ILE B 288 -16.13 -9.51 20.92
C ILE B 288 -14.99 -8.61 21.39
N GLY B 289 -14.84 -8.46 22.71
CA GLY B 289 -13.75 -7.71 23.29
C GLY B 289 -12.41 -8.18 22.78
N LYS B 290 -12.16 -9.49 22.85
CA LYS B 290 -10.88 -10.08 22.46
C LYS B 290 -10.52 -9.96 20.95
N SER B 291 -11.53 -9.83 20.10
CA SER B 291 -11.34 -9.76 18.66
C SER B 291 -11.61 -8.38 18.07
N MSE B 292 -12.11 -7.46 18.90
CA MSE B 292 -12.46 -6.09 18.52
C MSE B 292 -11.41 -5.37 17.61
O MSE B 292 -11.75 -4.78 16.59
CB MSE B 292 -12.65 -5.28 19.81
CG MSE B 292 -13.23 -3.92 19.65
SE MSE B 292 -14.74 -3.92 18.39
CE MSE B 292 -16.03 -2.77 19.42
N GLU B 293 -10.14 -5.45 17.97
CA GLU B 293 -9.10 -4.72 17.26
C GLU B 293 -8.95 -5.25 15.87
N GLY B 294 -9.32 -6.49 15.65
CA GLY B 294 -9.22 -7.09 14.33
C GLY B 294 -10.29 -6.63 13.35
N LEU B 295 -11.38 -6.03 13.85
CA LEU B 295 -12.45 -5.60 12.91
C LEU B 295 -12.04 -4.31 12.22
N SER B 296 -12.30 -4.20 10.91
CA SER B 296 -12.03 -2.96 10.13
C SER B 296 -12.91 -1.81 10.64
N PRO B 297 -12.32 -0.71 11.06
CA PRO B 297 -13.18 0.42 11.54
C PRO B 297 -14.03 1.05 10.43
N ASP B 298 -13.55 0.99 9.20
CA ASP B 298 -14.12 1.81 8.16
C ASP B 298 -14.06 1.20 6.76
N GLY B 299 -13.69 -0.07 6.67
CA GLY B 299 -13.67 -0.71 5.41
C GLY B 299 -12.40 -0.57 4.60
N VAL B 300 -11.48 0.32 5.00
CA VAL B 300 -10.35 0.68 4.15
C VAL B 300 -9.27 -0.44 4.16
N ILE B 301 -8.86 -0.86 2.97
CA ILE B 301 -7.91 -1.96 2.81
C ILE B 301 -6.57 -1.31 2.96
N PRO B 302 -5.70 -1.80 3.88
CA PRO B 302 -4.38 -1.18 3.95
C PRO B 302 -3.54 -1.41 2.70
N GLU B 303 -2.82 -0.37 2.31
CA GLU B 303 -2.16 -0.29 1.02
C GLU B 303 -1.00 -1.26 0.88
N ASP B 304 -0.41 -1.65 2.02
CA ASP B 304 0.67 -2.67 2.07
C ASP B 304 0.15 -4.10 2.31
N GLY B 305 -1.17 -4.26 2.43
CA GLY B 305 -1.71 -5.55 2.84
C GLY B 305 -1.54 -6.64 1.80
N ALA B 306 -1.83 -6.32 0.55
CA ALA B 306 -1.64 -7.27 -0.56
C ALA B 306 -0.20 -7.75 -0.65
N ALA B 307 0.76 -6.83 -0.50
CA ALA B 307 2.21 -7.21 -0.46
C ALA B 307 2.49 -8.23 0.64
N THR B 308 1.84 -8.06 1.81
CA THR B 308 2.14 -8.93 2.94
C THR B 308 1.53 -10.31 2.70
N ALA B 309 0.29 -10.32 2.30
CA ALA B 309 -0.40 -11.53 1.90
C ALA B 309 0.38 -12.29 0.80
N LEU B 310 0.97 -11.56 -0.16
CA LEU B 310 1.65 -12.22 -1.26
C LEU B 310 2.92 -12.92 -0.75
N LYS B 311 3.60 -12.26 0.19
CA LYS B 311 4.76 -12.88 0.88
C LYS B 311 4.39 -14.14 1.66
N ALA B 312 3.30 -14.04 2.43
CA ALA B 312 2.79 -15.13 3.27
C ALA B 312 2.68 -16.40 2.43
N LEU B 313 2.02 -16.28 1.28
CA LEU B 313 1.80 -17.42 0.35
C LEU B 313 3.08 -17.89 -0.30
N ALA B 314 3.95 -16.95 -0.69
CA ALA B 314 5.31 -17.29 -1.14
C ALA B 314 6.06 -18.14 -0.10
N ALA B 315 5.83 -17.88 1.20
CA ALA B 315 6.52 -18.63 2.25
C ALA B 315 6.15 -20.12 2.29
N PHE B 316 4.95 -20.54 1.85
CA PHE B 316 4.58 -21.97 1.98
C PHE B 316 3.90 -22.64 0.78
N VAL B 317 3.00 -21.96 0.07
CA VAL B 317 2.27 -22.64 -1.00
C VAL B 317 3.26 -23.17 -1.99
N PRO B 318 3.23 -24.49 -2.25
CA PRO B 318 4.29 -25.12 -3.02
C PRO B 318 4.27 -24.69 -4.49
N ASP B 319 5.46 -24.56 -5.09
CA ASP B 319 5.57 -24.07 -6.47
C ASP B 319 4.62 -22.91 -6.74
N PHE B 320 4.73 -21.91 -5.89
CA PHE B 320 4.02 -20.66 -6.02
C PHE B 320 5.09 -19.68 -6.40
N ASP B 321 4.84 -18.94 -7.47
CA ASP B 321 5.79 -17.97 -7.93
C ASP B 321 5.22 -16.55 -7.74
N ALA B 322 5.56 -15.92 -6.62
CA ALA B 322 5.18 -14.54 -6.31
C ALA B 322 5.43 -13.54 -7.44
N ALA B 323 6.62 -13.61 -8.06
CA ALA B 323 7.03 -12.71 -9.13
C ALA B 323 5.95 -12.53 -10.21
N LYS B 324 5.24 -13.61 -10.56
CA LYS B 324 4.18 -13.57 -11.61
C LYS B 324 2.83 -12.97 -11.21
N VAL B 325 2.68 -12.64 -9.92
CA VAL B 325 1.44 -12.10 -9.39
C VAL B 325 1.60 -10.62 -9.17
N ASP B 326 0.60 -9.85 -9.62
CA ASP B 326 0.58 -8.41 -9.42
C ASP B 326 -0.43 -8.11 -8.32
N PRO B 327 0.07 -7.83 -7.13
CA PRO B 327 -0.81 -7.67 -6.00
C PRO B 327 -1.81 -6.54 -6.19
N ALA B 328 -1.45 -5.53 -6.99
CA ALA B 328 -2.28 -4.34 -7.18
C ALA B 328 -3.55 -4.64 -7.92
N LYS B 329 -3.58 -5.76 -8.64
CA LYS B 329 -4.82 -6.16 -9.30
C LYS B 329 -5.84 -6.79 -8.33
N ALA B 330 -5.39 -7.11 -7.10
CA ALA B 330 -6.20 -7.90 -6.16
C ALA B 330 -7.18 -7.09 -5.34
N TRP B 331 -7.00 -5.77 -5.32
CA TRP B 331 -7.74 -4.93 -4.34
C TRP B 331 -7.91 -3.50 -4.83
N THR B 332 -8.89 -2.76 -4.31
CA THR B 332 -8.96 -1.33 -4.52
C THR B 332 -9.75 -0.67 -3.39
N ASN B 333 -9.43 0.58 -3.11
CA ASN B 333 -10.15 1.40 -2.16
C ASN B 333 -11.05 2.40 -2.86
N GLU B 334 -11.31 2.18 -4.15
CA GLU B 334 -12.06 3.15 -4.97
C GLU B 334 -13.44 3.35 -4.39
N TYR B 335 -14.07 2.24 -4.00
CA TYR B 335 -15.45 2.22 -3.47
C TYR B 335 -15.50 2.52 -1.97
N THR B 336 -14.52 2.03 -1.21
CA THR B 336 -14.47 2.34 0.23
C THR B 336 -14.28 3.85 0.49
N ARG B 337 -13.49 4.53 -0.33
CA ARG B 337 -13.33 6.00 -0.17
C ARG B 337 -14.68 6.71 -0.38
N ARG B 338 -15.41 6.34 -1.44
CA ARG B 338 -16.71 6.96 -1.70
C ARG B 338 -17.73 6.59 -0.61
N ALA B 339 -17.64 5.37 -0.06
CA ALA B 339 -18.51 5.02 1.07
C ALA B 339 -18.26 5.91 2.28
N ASN B 340 -16.99 6.09 2.62
CA ASN B 340 -16.64 6.91 3.79
C ASN B 340 -17.00 8.38 3.60
N GLU B 341 -16.90 8.87 2.38
CA GLU B 341 -17.36 10.22 2.09
C GLU B 341 -18.86 10.34 2.15
N LYS B 342 -19.57 9.35 1.66
CA LYS B 342 -21.02 9.38 1.69
C LYS B 342 -21.58 9.16 3.11
N TYR B 343 -20.95 8.30 3.92
CA TYR B 343 -21.39 8.04 5.29
C TYR B 343 -20.26 8.31 6.28
N PRO B 344 -19.88 9.58 6.42
CA PRO B 344 -18.82 9.93 7.38
C PRO B 344 -19.07 9.39 8.80
N ASN B 345 -20.32 9.22 9.18
CA ASN B 345 -20.63 8.59 10.46
C ASN B 345 -21.49 7.32 10.40
C1 CIT C . 16.22 12.24 -4.39
O1 CIT C . 16.66 12.22 -3.25
O2 CIT C . 16.93 11.86 -5.33
C2 CIT C . 14.79 12.66 -4.65
C3 CIT C . 13.91 11.45 -4.31
O7 CIT C . 14.31 10.18 -4.89
C4 CIT C . 12.63 11.52 -5.01
C5 CIT C . 11.79 12.33 -4.21
O3 CIT C . 11.85 13.57 -4.36
O4 CIT C . 11.10 11.60 -3.44
C6 CIT C . 13.84 11.25 -2.81
O5 CIT C . 13.70 12.23 -2.04
O6 CIT C . 13.91 10.09 -2.35
C1 CIT D . -11.72 -17.78 3.96
O1 CIT D . -12.42 -17.14 3.13
O2 CIT D . -11.08 -18.83 3.70
C2 CIT D . -11.66 -17.30 5.36
C3 CIT D . -12.69 -18.15 6.09
O7 CIT D . -13.93 -18.35 5.42
C4 CIT D . -13.21 -17.29 7.16
C5 CIT D . -12.45 -17.70 8.32
O3 CIT D . -11.27 -17.27 8.46
O4 CIT D . -13.15 -18.47 9.04
C6 CIT D . -12.21 -19.54 6.49
O5 CIT D . -11.04 -19.70 6.93
O6 CIT D . -13.03 -20.52 6.33
#